data_6CYC
#
_entry.id   6CYC
#
_cell.length_a   72.250
_cell.length_b   96.410
_cell.length_c   101.650
_cell.angle_alpha   90.00
_cell.angle_beta   90.00
_cell.angle_gamma   90.00
#
_symmetry.space_group_name_H-M   'P 21 21 21'
#
loop_
_entity.id
_entity.type
_entity.pdbx_description
1 polymer "cGMP-dependent 3',5'-cyclic phosphodiesterase"
2 non-polymer 'ZINC ION'
3 non-polymer 'MAGNESIUM ION'
4 non-polymer 3-(hydroxymethyl)-1-{(1S)-1-[4-(trifluoromethyl)phenyl]ethyl}-1H-pyrazolo[3,4-d]pyrimidine-4,6(5H,7H)-dione
5 non-polymer 1,2-ETHANEDIOL
6 water water
#
_entity_poly.entity_id   1
_entity_poly.type   'polypeptide(L)'
_entity_poly.pdbx_seq_one_letter_code
;MHHHHHHENLYFQGELSTSLYKKAGFDDDDKSDDEYTKLLHDGIQPVAAIDSNFASFTYTPRSLPEDDTSMAILSMLQDM
NFINNYKIDCPTLARFCLMVKKGYRDPPYHNWMHAFSVSHFCYLLYKNLELTNYLEDIEIFALFISCMCHDLDHRGTNNS
FQVASKSVLAALYSSEGSVMERHHFAQAIAILNTHGCNIFDHFSRKDYQRMLDLMRDIILATDLAHHLRIFKDLQKMAEV
GYDRNNKQHHRLLLCLLMTSCDLSDQTKGWKTTRKIAELIYKEFFSQGDLEKAMGNRPMEMMDREKAYIPELQISFMEHI
AMPIYKLLQDLFPKAAELYERVASNREHWTKVSHKFTIRGLPSNNSLDFLDEE
;
_entity_poly.pdbx_strand_id   A,B
#
# COMPACT_ATOMS: atom_id res chain seq x y z
N SER A 19 21.96 4.18 21.46
CA SER A 19 20.99 4.12 20.37
C SER A 19 21.44 4.95 19.17
N LEU A 20 22.69 5.38 19.16
CA LEU A 20 23.21 6.17 18.04
C LEU A 20 23.89 5.22 17.07
N TYR A 21 23.37 5.20 15.83
CA TYR A 21 23.88 4.36 14.77
C TYR A 21 24.07 5.26 13.55
N LYS A 22 25.29 5.34 13.05
CA LYS A 22 25.63 6.27 11.97
C LYS A 22 25.54 5.75 10.56
N LYS A 23 25.46 6.71 9.63
CA LYS A 23 25.50 6.52 8.18
C LYS A 23 26.96 6.82 7.82
N ALA A 24 27.61 5.98 6.98
CA ALA A 24 29.02 6.24 6.63
C ALA A 24 29.21 7.41 5.65
N GLY A 25 28.17 7.70 4.87
CA GLY A 25 28.18 8.81 3.94
C GLY A 25 26.83 9.51 3.82
N PHE A 26 26.56 10.07 2.65
CA PHE A 26 25.34 10.83 2.38
C PHE A 26 24.47 10.19 1.28
N TYR A 36 35.88 0.73 -5.08
CA TYR A 36 35.28 0.65 -6.41
C TYR A 36 36.23 0.04 -7.44
N THR A 37 37.52 0.46 -7.43
CA THR A 37 38.54 -0.04 -8.34
C THR A 37 38.75 -1.55 -8.12
N LYS A 38 38.82 -1.97 -6.84
CA LYS A 38 38.98 -3.36 -6.39
C LYS A 38 37.87 -4.25 -6.96
N LEU A 39 36.64 -3.72 -7.04
CA LEU A 39 35.49 -4.43 -7.57
C LEU A 39 35.58 -4.50 -9.12
N LEU A 40 36.02 -3.40 -9.77
CA LEU A 40 36.16 -3.36 -11.23
C LEU A 40 37.20 -4.37 -11.75
N HIS A 41 38.29 -4.58 -10.97
CA HIS A 41 39.37 -5.49 -11.34
C HIS A 41 39.09 -6.95 -11.03
N ASP A 42 38.60 -7.27 -9.80
CA ASP A 42 38.33 -8.67 -9.41
C ASP A 42 37.00 -8.90 -8.64
N GLY A 43 35.97 -8.14 -8.99
CA GLY A 43 34.65 -8.25 -8.36
C GLY A 43 33.87 -9.51 -8.69
N ILE A 44 34.09 -10.09 -9.90
CA ILE A 44 33.40 -11.30 -10.35
C ILE A 44 34.34 -12.51 -10.30
N GLN A 45 34.14 -13.34 -9.29
CA GLN A 45 34.89 -14.55 -9.00
C GLN A 45 34.02 -15.79 -9.07
N PRO A 46 34.62 -16.96 -9.40
CA PRO A 46 33.81 -18.20 -9.38
C PRO A 46 33.49 -18.47 -7.89
N VAL A 47 32.23 -18.79 -7.57
CA VAL A 47 31.82 -18.98 -6.17
C VAL A 47 32.66 -20.01 -5.38
N ALA A 48 33.15 -21.09 -6.04
CA ALA A 48 33.96 -22.08 -5.30
C ALA A 48 35.27 -21.49 -4.79
N ALA A 49 35.78 -20.43 -5.45
CA ALA A 49 37.03 -19.78 -5.01
C ALA A 49 36.77 -18.99 -3.73
N ILE A 50 35.51 -18.54 -3.51
CA ILE A 50 35.16 -17.86 -2.27
C ILE A 50 35.18 -18.93 -1.17
N ASP A 51 34.44 -20.05 -1.36
CA ASP A 51 34.45 -21.16 -0.41
C ASP A 51 33.89 -22.41 -1.10
N SER A 52 34.50 -23.59 -0.87
CA SER A 52 33.94 -24.78 -1.54
C SER A 52 32.49 -25.07 -1.08
N ASN A 53 32.11 -24.55 0.12
CA ASN A 53 30.77 -24.79 0.69
C ASN A 53 29.83 -23.60 0.46
N PHE A 54 30.21 -22.67 -0.41
CA PHE A 54 29.45 -21.43 -0.64
C PHE A 54 28.00 -21.63 -1.07
N ALA A 55 27.73 -22.70 -1.83
CA ALA A 55 26.37 -22.93 -2.33
C ALA A 55 25.56 -23.94 -1.48
N SER A 56 26.01 -24.18 -0.24
CA SER A 56 25.40 -25.11 0.70
C SER A 56 24.63 -24.44 1.80
N PHE A 57 23.58 -25.13 2.28
CA PHE A 57 22.80 -24.65 3.44
C PHE A 57 23.63 -24.63 4.73
N THR A 58 24.84 -25.28 4.75
CA THR A 58 25.67 -25.28 5.94
C THR A 58 26.71 -24.15 5.89
N TYR A 59 26.67 -23.29 4.86
CA TYR A 59 27.60 -22.16 4.79
C TYR A 59 27.06 -21.08 5.74
N THR A 60 27.94 -20.40 6.46
CA THR A 60 27.57 -19.31 7.38
C THR A 60 28.08 -18.01 6.73
N PRO A 61 27.23 -17.28 5.99
CA PRO A 61 27.72 -16.09 5.27
C PRO A 61 28.32 -15.00 6.15
N ARG A 62 27.95 -14.97 7.44
CA ARG A 62 28.53 -13.99 8.38
C ARG A 62 30.03 -14.28 8.63
N SER A 63 30.53 -15.47 8.19
CA SER A 63 31.95 -15.84 8.31
C SER A 63 32.77 -15.11 7.23
N LEU A 64 32.10 -14.61 6.17
CA LEU A 64 32.85 -13.93 5.12
C LEU A 64 33.27 -12.53 5.58
N PRO A 65 34.56 -12.12 5.41
CA PRO A 65 34.95 -10.76 5.82
C PRO A 65 34.09 -9.72 5.12
N GLU A 66 33.67 -8.71 5.87
CA GLU A 66 32.82 -7.66 5.31
C GLU A 66 33.40 -7.04 4.01
N ASP A 67 34.73 -6.89 3.92
CA ASP A 67 35.35 -6.32 2.71
C ASP A 67 35.22 -7.21 1.49
N ASP A 68 34.82 -8.50 1.66
CA ASP A 68 34.65 -9.40 0.52
C ASP A 68 33.19 -9.56 0.14
N THR A 69 32.26 -8.90 0.89
CA THR A 69 30.83 -9.10 0.60
C THR A 69 30.34 -8.54 -0.72
N SER A 70 30.83 -7.35 -1.16
CA SER A 70 30.37 -6.84 -2.45
C SER A 70 30.79 -7.76 -3.61
N MET A 71 32.04 -8.28 -3.54
CA MET A 71 32.54 -9.23 -4.53
C MET A 71 31.59 -10.47 -4.52
N ALA A 72 31.22 -10.97 -3.31
CA ALA A 72 30.35 -12.16 -3.22
C ALA A 72 28.97 -11.89 -3.81
N ILE A 73 28.43 -10.65 -3.65
CA ILE A 73 27.15 -10.29 -4.26
C ILE A 73 27.25 -10.43 -5.77
N LEU A 74 28.30 -9.83 -6.38
CA LEU A 74 28.48 -9.88 -7.84
C LEU A 74 28.66 -11.31 -8.29
N SER A 75 29.42 -12.12 -7.51
CA SER A 75 29.69 -13.52 -7.83
C SER A 75 28.43 -14.34 -7.81
N MET A 76 27.52 -14.07 -6.84
CA MET A 76 26.24 -14.78 -6.80
C MET A 76 25.37 -14.39 -8.00
N LEU A 77 25.33 -13.09 -8.36
CA LEU A 77 24.53 -12.66 -9.50
C LEU A 77 25.04 -13.27 -10.79
N GLN A 78 26.37 -13.40 -10.90
CA GLN A 78 27.03 -14.01 -12.06
C GLN A 78 26.70 -15.49 -12.07
N ASP A 79 26.77 -16.17 -10.89
CA ASP A 79 26.51 -17.62 -10.81
C ASP A 79 25.06 -17.97 -11.13
N MET A 80 24.10 -17.08 -10.81
CA MET A 80 22.69 -17.33 -11.16
C MET A 80 22.43 -16.87 -12.62
N ASN A 81 23.48 -16.37 -13.30
CA ASN A 81 23.49 -15.89 -14.68
C ASN A 81 22.63 -14.64 -14.93
N PHE A 82 22.30 -13.86 -13.88
CA PHE A 82 21.48 -12.65 -14.08
C PHE A 82 22.21 -11.53 -14.80
N ILE A 83 23.54 -11.42 -14.63
CA ILE A 83 24.35 -10.39 -15.28
C ILE A 83 24.24 -10.53 -16.82
N ASN A 84 24.43 -11.76 -17.34
CA ASN A 84 24.35 -12.03 -18.78
C ASN A 84 22.92 -11.98 -19.30
N ASN A 85 21.98 -12.69 -18.63
CA ASN A 85 20.57 -12.78 -19.02
C ASN A 85 19.84 -11.45 -19.07
N TYR A 86 20.15 -10.53 -18.13
CA TYR A 86 19.51 -9.22 -18.09
C TYR A 86 20.38 -8.12 -18.65
N LYS A 87 21.58 -8.47 -19.23
CA LYS A 87 22.53 -7.50 -19.81
C LYS A 87 22.82 -6.36 -18.84
N ILE A 88 23.17 -6.73 -17.60
CA ILE A 88 23.47 -5.75 -16.57
C ILE A 88 24.88 -5.21 -16.78
N ASP A 89 25.01 -3.89 -16.78
CA ASP A 89 26.28 -3.20 -16.91
C ASP A 89 27.03 -3.47 -15.60
N CYS A 90 28.18 -4.16 -15.67
CA CYS A 90 28.95 -4.50 -14.48
C CYS A 90 29.45 -3.29 -13.71
N PRO A 91 30.03 -2.20 -14.30
CA PRO A 91 30.41 -1.04 -13.47
C PRO A 91 29.20 -0.45 -12.72
N THR A 92 28.02 -0.38 -13.39
CA THR A 92 26.77 0.12 -12.77
C THR A 92 26.39 -0.81 -11.59
N LEU A 93 26.50 -2.12 -11.80
CA LEU A 93 26.18 -3.11 -10.77
C LEU A 93 27.12 -2.97 -9.59
N ALA A 94 28.43 -2.78 -9.84
CA ALA A 94 29.41 -2.58 -8.77
C ALA A 94 29.02 -1.29 -7.96
N ARG A 95 28.69 -0.17 -8.65
CA ARG A 95 28.29 1.08 -8.00
C ARG A 95 27.01 0.86 -7.19
N PHE A 96 26.02 0.15 -7.78
CA PHE A 96 24.74 -0.17 -7.10
C PHE A 96 25.02 -0.93 -5.81
N CYS A 97 25.86 -1.99 -5.87
N CYS A 97 25.85 -1.98 -5.88
CA CYS A 97 26.20 -2.79 -4.68
CA CYS A 97 26.18 -2.77 -4.70
C CYS A 97 26.82 -1.93 -3.58
C CYS A 97 26.82 -1.93 -3.59
N LEU A 98 27.76 -1.04 -3.97
CA LEU A 98 28.44 -0.16 -3.03
C LEU A 98 27.48 0.83 -2.38
N MET A 99 26.51 1.34 -3.16
CA MET A 99 25.48 2.26 -2.66
C MET A 99 24.58 1.53 -1.67
N VAL A 100 24.20 0.27 -1.97
CA VAL A 100 23.34 -0.48 -1.07
C VAL A 100 24.08 -0.74 0.23
N LYS A 101 25.36 -1.17 0.13
CA LYS A 101 26.16 -1.41 1.33
C LYS A 101 26.27 -0.14 2.19
N LYS A 102 26.55 1.04 1.59
CA LYS A 102 26.66 2.28 2.35
C LYS A 102 25.29 2.78 2.89
N GLY A 103 24.20 2.20 2.39
CA GLY A 103 22.84 2.55 2.78
C GLY A 103 22.44 2.00 4.13
N TYR A 104 23.25 1.09 4.71
CA TYR A 104 22.92 0.54 6.03
C TYR A 104 23.69 1.27 7.13
N ARG A 105 23.02 1.47 8.28
CA ARG A 105 23.66 2.04 9.46
C ARG A 105 24.35 0.91 10.20
N ASP A 106 24.88 1.22 11.41
CA ASP A 106 25.63 0.22 12.16
C ASP A 106 24.99 -0.21 13.50
N PRO A 107 23.68 -0.53 13.55
CA PRO A 107 23.15 -1.10 14.79
C PRO A 107 23.68 -2.54 14.92
N PRO A 108 23.49 -3.20 16.10
CA PRO A 108 24.04 -4.54 16.27
C PRO A 108 23.56 -5.58 15.29
N TYR A 109 22.25 -5.54 14.93
CA TYR A 109 21.69 -6.52 14.02
C TYR A 109 21.35 -6.00 12.64
N HIS A 110 20.57 -4.92 12.54
CA HIS A 110 20.11 -4.43 11.24
C HIS A 110 21.13 -3.60 10.46
N ASN A 111 22.23 -4.26 10.11
CA ASN A 111 23.34 -3.66 9.38
C ASN A 111 23.56 -4.40 8.04
N TRP A 112 24.57 -3.97 7.30
CA TRP A 112 24.87 -4.58 6.00
C TRP A 112 25.11 -6.07 6.09
N MET A 113 25.86 -6.55 7.11
CA MET A 113 26.08 -8.00 7.21
C MET A 113 24.76 -8.79 7.29
N HIS A 114 23.71 -8.21 7.89
CA HIS A 114 22.41 -8.87 7.89
C HIS A 114 21.87 -8.93 6.44
N ALA A 115 21.87 -7.77 5.72
CA ALA A 115 21.37 -7.78 4.33
C ALA A 115 22.14 -8.76 3.45
N PHE A 116 23.47 -8.81 3.64
CA PHE A 116 24.32 -9.70 2.88
C PHE A 116 23.94 -11.16 3.17
N SER A 117 23.79 -11.52 4.46
N SER A 117 23.76 -11.51 4.46
CA SER A 117 23.44 -12.90 4.82
CA SER A 117 23.40 -12.88 4.86
C SER A 117 22.03 -13.28 4.32
C SER A 117 22.04 -13.27 4.30
N VAL A 118 21.09 -12.33 4.31
CA VAL A 118 19.73 -12.60 3.80
C VAL A 118 19.83 -12.86 2.26
N SER A 119 20.62 -12.04 1.54
CA SER A 119 20.87 -12.17 0.09
C SER A 119 21.54 -13.53 -0.20
N HIS A 120 22.51 -13.93 0.64
CA HIS A 120 23.14 -15.24 0.43
C HIS A 120 22.15 -16.38 0.55
N PHE A 121 21.19 -16.28 1.50
CA PHE A 121 20.19 -17.33 1.64
C PHE A 121 19.32 -17.40 0.41
N CYS A 122 18.97 -16.23 -0.18
CA CYS A 122 18.18 -16.24 -1.40
C CYS A 122 18.93 -17.02 -2.50
N TYR A 123 20.25 -16.76 -2.62
CA TYR A 123 21.11 -17.49 -3.56
C TYR A 123 21.05 -19.01 -3.23
N LEU A 124 21.08 -19.39 -1.92
CA LEU A 124 20.99 -20.80 -1.53
C LEU A 124 19.67 -21.43 -1.99
N LEU A 125 18.55 -20.72 -1.86
CA LEU A 125 17.26 -21.25 -2.32
C LEU A 125 17.32 -21.51 -3.82
N TYR A 126 17.94 -20.58 -4.58
CA TYR A 126 18.08 -20.73 -6.02
C TYR A 126 18.92 -21.98 -6.35
N LYS A 127 20.06 -22.13 -5.67
CA LYS A 127 20.97 -23.27 -5.93
C LYS A 127 20.47 -24.63 -5.44
N ASN A 128 19.71 -24.66 -4.37
CA ASN A 128 19.29 -25.93 -3.78
C ASN A 128 17.89 -26.37 -4.05
N LEU A 129 16.98 -25.43 -4.17
CA LEU A 129 15.58 -25.77 -4.40
C LEU A 129 15.36 -25.56 -5.90
N GLU A 130 14.26 -25.99 -6.46
CA GLU A 130 14.18 -25.76 -7.91
C GLU A 130 13.32 -24.55 -8.18
N LEU A 131 13.79 -23.35 -7.74
CA LEU A 131 13.04 -22.09 -7.85
C LEU A 131 12.52 -21.80 -9.26
N THR A 132 13.34 -22.07 -10.30
CA THR A 132 12.98 -21.88 -11.71
C THR A 132 11.71 -22.67 -12.10
N ASN A 133 11.41 -23.75 -11.36
CA ASN A 133 10.23 -24.59 -11.56
C ASN A 133 8.99 -24.02 -10.85
N TYR A 134 9.15 -22.93 -10.08
CA TYR A 134 8.07 -22.32 -9.30
C TYR A 134 7.80 -20.84 -9.62
N LEU A 135 8.86 -20.08 -9.91
CA LEU A 135 8.82 -18.64 -10.18
C LEU A 135 9.50 -18.25 -11.48
N GLU A 136 9.15 -17.08 -12.03
CA GLU A 136 9.76 -16.52 -13.23
C GLU A 136 11.15 -16.00 -12.86
N ASP A 137 12.08 -15.98 -13.84
CA ASP A 137 13.45 -15.47 -13.62
C ASP A 137 13.44 -14.04 -13.06
N ILE A 138 12.53 -13.18 -13.56
CA ILE A 138 12.41 -11.79 -13.11
C ILE A 138 12.02 -11.71 -11.62
N GLU A 139 11.16 -12.62 -11.16
CA GLU A 139 10.72 -12.67 -9.78
C GLU A 139 11.85 -13.15 -8.87
N ILE A 140 12.67 -14.11 -9.34
CA ILE A 140 13.81 -14.58 -8.54
C ILE A 140 14.82 -13.42 -8.45
N PHE A 141 15.06 -12.72 -9.57
CA PHE A 141 15.99 -11.59 -9.63
C PHE A 141 15.51 -10.49 -8.68
N ALA A 142 14.21 -10.16 -8.71
CA ALA A 142 13.65 -9.14 -7.80
C ALA A 142 13.77 -9.58 -6.37
N LEU A 143 13.60 -10.88 -6.07
CA LEU A 143 13.74 -11.40 -4.70
C LEU A 143 15.18 -11.13 -4.19
N PHE A 144 16.19 -11.41 -5.02
CA PHE A 144 17.58 -11.21 -4.61
C PHE A 144 17.89 -9.73 -4.39
N ILE A 145 17.53 -8.86 -5.34
CA ILE A 145 17.78 -7.43 -5.18
C ILE A 145 17.03 -6.91 -3.95
N SER A 146 15.78 -7.36 -3.74
CA SER A 146 14.99 -6.97 -2.57
C SER A 146 15.69 -7.42 -1.29
N CYS A 147 16.30 -8.62 -1.28
CA CYS A 147 17.06 -9.06 -0.09
C CYS A 147 18.15 -8.08 0.24
N MET A 148 18.88 -7.61 -0.77
CA MET A 148 19.97 -6.68 -0.54
C MET A 148 19.47 -5.35 0.09
N CYS A 149 18.30 -4.90 -0.36
CA CYS A 149 17.72 -3.60 -0.01
C CYS A 149 16.73 -3.60 1.12
N HIS A 150 16.26 -4.77 1.56
CA HIS A 150 15.08 -4.87 2.40
C HIS A 150 15.11 -4.19 3.75
N ASP A 151 16.28 -3.85 4.31
CA ASP A 151 16.36 -3.14 5.59
C ASP A 151 17.14 -1.84 5.48
N LEU A 152 17.26 -1.29 4.25
CA LEU A 152 18.04 -0.07 4.04
C LEU A 152 17.73 1.03 5.02
N ASP A 153 18.78 1.60 5.61
CA ASP A 153 18.63 2.76 6.50
C ASP A 153 17.84 2.44 7.79
N HIS A 154 17.85 1.15 8.21
CA HIS A 154 17.16 0.76 9.44
C HIS A 154 17.84 1.53 10.62
N ARG A 155 17.04 1.98 11.58
CA ARG A 155 17.48 2.77 12.73
C ARG A 155 17.67 1.97 14.02
N GLY A 156 17.54 0.65 13.93
CA GLY A 156 17.68 -0.19 15.11
C GLY A 156 16.41 -0.11 15.97
N THR A 157 15.31 0.39 15.41
CA THR A 157 14.05 0.48 16.12
C THR A 157 12.94 -0.10 15.27
N ASN A 158 11.86 -0.55 15.90
CA ASN A 158 10.75 -1.16 15.17
C ASN A 158 9.72 -0.13 14.71
N ASN A 159 8.63 -0.62 14.10
CA ASN A 159 7.58 0.29 13.60
C ASN A 159 6.86 1.01 14.73
N SER A 160 6.56 0.30 15.84
CA SER A 160 5.87 0.95 16.98
C SER A 160 6.69 2.13 17.52
N PHE A 161 8.02 2.00 17.53
CA PHE A 161 8.88 3.09 17.98
C PHE A 161 8.77 4.31 17.07
N GLN A 162 8.67 4.09 15.75
CA GLN A 162 8.55 5.21 14.82
C GLN A 162 7.31 6.04 15.14
N VAL A 163 6.20 5.38 15.43
CA VAL A 163 4.95 6.08 15.77
C VAL A 163 5.11 6.81 17.11
N ALA A 164 5.62 6.11 18.13
CA ALA A 164 5.80 6.66 19.49
C ALA A 164 6.70 7.88 19.54
N SER A 165 7.81 7.84 18.78
CA SER A 165 8.78 8.92 18.72
C SER A 165 8.34 10.05 17.78
N LYS A 166 7.17 9.89 17.11
CA LYS A 166 6.56 10.81 16.14
C LYS A 166 7.62 11.17 15.07
N SER A 167 8.30 10.14 14.56
CA SER A 167 9.37 10.33 13.60
C SER A 167 8.89 10.86 12.25
N VAL A 168 9.83 11.40 11.45
CA VAL A 168 9.45 11.85 10.11
C VAL A 168 9.03 10.64 9.27
N LEU A 169 9.60 9.44 9.55
CA LEU A 169 9.19 8.25 8.81
C LEU A 169 7.76 7.90 9.16
N ALA A 170 7.38 7.99 10.45
CA ALA A 170 5.98 7.71 10.84
C ALA A 170 5.06 8.77 10.25
N ALA A 171 5.52 10.04 10.20
CA ALA A 171 4.67 11.10 9.65
C ALA A 171 4.40 10.80 8.17
N LEU A 172 5.41 10.28 7.44
CA LEU A 172 5.31 9.96 6.02
C LEU A 172 4.50 8.73 5.73
N TYR A 173 4.64 7.66 6.55
CA TYR A 173 4.04 6.36 6.26
C TYR A 173 3.07 5.70 7.22
N SER A 174 3.01 6.08 8.53
CA SER A 174 2.19 5.36 9.49
C SER A 174 0.73 5.18 9.11
N SER A 175 0.12 6.18 8.49
CA SER A 175 -1.28 6.06 8.11
C SER A 175 -1.54 4.91 7.13
N GLU A 176 -0.53 4.49 6.34
CA GLU A 176 -0.67 3.43 5.34
C GLU A 176 -0.16 2.06 5.80
N GLY A 177 0.58 2.03 6.92
CA GLY A 177 1.15 0.81 7.49
C GLY A 177 2.59 0.54 7.13
N SER A 178 3.26 -0.37 7.88
CA SER A 178 4.66 -0.80 7.62
C SER A 178 5.61 0.36 7.42
N VAL A 179 5.71 1.23 8.43
CA VAL A 179 6.57 2.42 8.34
C VAL A 179 7.98 2.15 7.82
N MET A 180 8.72 1.29 8.52
CA MET A 180 10.10 1.04 8.08
C MET A 180 10.20 0.41 6.72
N GLU A 181 9.32 -0.56 6.43
CA GLU A 181 9.39 -1.28 5.15
C GLU A 181 9.11 -0.32 3.98
N ARG A 182 8.19 0.66 4.18
CA ARG A 182 7.95 1.63 3.10
C ARG A 182 9.21 2.48 2.96
N HIS A 183 9.89 2.82 4.09
CA HIS A 183 11.12 3.56 3.99
C HIS A 183 12.22 2.76 3.27
N HIS A 184 12.39 1.46 3.60
CA HIS A 184 13.42 0.64 2.95
C HIS A 184 13.22 0.63 1.42
N PHE A 185 11.99 0.50 0.98
CA PHE A 185 11.69 0.50 -0.46
C PHE A 185 12.00 1.90 -1.04
N ALA A 186 11.60 2.98 -0.36
CA ALA A 186 11.90 4.33 -0.87
C ALA A 186 13.43 4.52 -1.01
N GLN A 187 14.22 4.00 -0.04
CA GLN A 187 15.67 4.12 -0.09
C GLN A 187 16.23 3.34 -1.28
N ALA A 188 15.68 2.15 -1.55
CA ALA A 188 16.10 1.32 -2.69
C ALA A 188 15.86 2.08 -4.02
N ILE A 189 14.66 2.67 -4.15
CA ILE A 189 14.29 3.48 -5.34
C ILE A 189 15.22 4.69 -5.48
N ALA A 190 15.58 5.33 -4.38
CA ALA A 190 16.48 6.47 -4.38
C ALA A 190 17.86 6.06 -4.91
N ILE A 191 18.30 4.82 -4.62
CA ILE A 191 19.59 4.34 -5.12
C ILE A 191 19.49 4.15 -6.65
N LEU A 192 18.40 3.53 -7.11
CA LEU A 192 18.17 3.32 -8.54
C LEU A 192 18.18 4.65 -9.29
N ASN A 193 17.69 5.72 -8.64
CA ASN A 193 17.62 7.07 -9.20
C ASN A 193 18.91 7.86 -9.07
N THR A 194 19.94 7.27 -8.46
CA THR A 194 21.23 7.92 -8.29
C THR A 194 22.04 7.73 -9.55
N HIS A 195 22.66 8.82 -10.00
CA HIS A 195 23.52 8.90 -11.18
C HIS A 195 24.47 7.69 -11.23
N GLY A 196 24.38 6.92 -12.30
CA GLY A 196 25.21 5.75 -12.58
C GLY A 196 24.98 4.47 -11.78
N CYS A 197 23.87 4.39 -11.02
CA CYS A 197 23.56 3.21 -10.19
C CYS A 197 22.35 2.47 -10.66
N ASN A 198 21.70 2.93 -11.72
CA ASN A 198 20.49 2.27 -12.17
C ASN A 198 20.75 0.97 -12.96
N ILE A 199 20.76 -0.16 -12.23
CA ILE A 199 20.99 -1.48 -12.83
C ILE A 199 19.86 -1.92 -13.78
N PHE A 200 18.68 -1.26 -13.73
CA PHE A 200 17.55 -1.62 -14.60
C PHE A 200 17.33 -0.54 -15.67
N ASP A 201 18.29 0.36 -15.87
CA ASP A 201 18.17 1.51 -16.78
C ASP A 201 17.68 1.16 -18.19
N HIS A 202 18.27 0.11 -18.78
CA HIS A 202 17.99 -0.35 -20.15
C HIS A 202 16.72 -1.20 -20.28
N PHE A 203 16.05 -1.55 -19.15
CA PHE A 203 14.83 -2.35 -19.19
C PHE A 203 13.74 -1.57 -19.90
N SER A 204 12.79 -2.29 -20.49
CA SER A 204 11.65 -1.66 -21.14
C SER A 204 10.85 -0.97 -20.05
N ARG A 205 10.00 0.00 -20.40
CA ARG A 205 9.15 0.69 -19.42
C ARG A 205 8.31 -0.33 -18.63
N LYS A 206 7.75 -1.34 -19.30
CA LYS A 206 6.93 -2.36 -18.62
C LYS A 206 7.75 -3.20 -17.63
N ASP A 207 8.95 -3.67 -18.03
CA ASP A 207 9.81 -4.48 -17.18
C ASP A 207 10.38 -3.67 -16.01
N TYR A 208 10.68 -2.37 -16.24
CA TYR A 208 11.20 -1.48 -15.19
C TYR A 208 10.11 -1.37 -14.12
N GLN A 209 8.86 -1.13 -14.56
CA GLN A 209 7.75 -1.03 -13.62
C GLN A 209 7.53 -2.34 -12.88
N ARG A 210 7.65 -3.49 -13.56
CA ARG A 210 7.47 -4.82 -12.93
C ARG A 210 8.49 -4.99 -11.79
N MET A 211 9.72 -4.54 -12.03
CA MET A 211 10.80 -4.60 -11.03
C MET A 211 10.42 -3.77 -9.81
N LEU A 212 9.89 -2.55 -10.02
CA LEU A 212 9.51 -1.72 -8.88
C LEU A 212 8.36 -2.34 -8.08
N ASP A 213 7.37 -2.92 -8.79
CA ASP A 213 6.21 -3.53 -8.13
C ASP A 213 6.63 -4.75 -7.32
N LEU A 214 7.50 -5.57 -7.90
CA LEU A 214 8.00 -6.75 -7.21
C LEU A 214 8.79 -6.36 -5.96
N MET A 215 9.72 -5.40 -6.09
CA MET A 215 10.52 -4.91 -4.95
C MET A 215 9.61 -4.34 -3.86
N ARG A 216 8.54 -3.62 -4.25
CA ARG A 216 7.60 -3.09 -3.24
C ARG A 216 6.92 -4.25 -2.48
N ASP A 217 6.32 -5.18 -3.23
CA ASP A 217 5.63 -6.30 -2.60
C ASP A 217 6.56 -7.14 -1.74
N ILE A 218 7.77 -7.41 -2.23
CA ILE A 218 8.70 -8.28 -1.48
C ILE A 218 9.21 -7.57 -0.21
N ILE A 219 9.59 -6.30 -0.33
CA ILE A 219 10.08 -5.59 0.86
C ILE A 219 8.95 -5.41 1.89
N LEU A 220 7.73 -5.09 1.44
CA LEU A 220 6.63 -4.97 2.40
C LEU A 220 6.31 -6.30 3.09
N ALA A 221 6.66 -7.46 2.44
CA ALA A 221 6.42 -8.78 3.02
C ALA A 221 7.29 -9.03 4.27
N THR A 222 8.35 -8.20 4.48
CA THR A 222 9.27 -8.36 5.62
C THR A 222 8.69 -7.76 6.91
N ASP A 223 7.51 -7.12 6.87
CA ASP A 223 6.92 -6.63 8.10
C ASP A 223 6.24 -7.88 8.72
N LEU A 224 6.60 -8.21 9.96
CA LEU A 224 6.00 -9.37 10.64
C LEU A 224 4.46 -9.24 10.69
N ALA A 225 3.95 -7.99 10.81
CA ALA A 225 2.50 -7.76 10.82
C ALA A 225 1.87 -8.30 9.53
N HIS A 226 2.56 -8.14 8.37
CA HIS A 226 2.07 -8.63 7.08
C HIS A 226 2.07 -10.15 7.04
N HIS A 227 3.17 -10.77 7.50
CA HIS A 227 3.27 -12.22 7.57
C HIS A 227 2.11 -12.81 8.40
N LEU A 228 1.84 -12.25 9.60
CA LEU A 228 0.75 -12.65 10.51
C LEU A 228 -0.58 -12.61 9.77
N ARG A 229 -0.81 -11.56 8.96
CA ARG A 229 -2.06 -11.37 8.21
C ARG A 229 -2.27 -12.35 7.05
N ILE A 230 -1.21 -12.81 6.42
CA ILE A 230 -1.31 -13.71 5.26
C ILE A 230 -1.00 -15.17 5.61
N PHE A 231 -0.62 -15.47 6.88
CA PHE A 231 -0.26 -16.85 7.29
C PHE A 231 -1.28 -17.89 6.83
N LYS A 232 -2.59 -17.67 7.10
CA LYS A 232 -3.66 -18.60 6.70
C LYS A 232 -3.65 -18.92 5.20
N ASP A 233 -3.35 -17.92 4.35
CA ASP A 233 -3.28 -18.05 2.89
C ASP A 233 -2.03 -18.82 2.48
N LEU A 234 -0.94 -18.70 3.29
CA LEU A 234 0.28 -19.47 3.03
C LEU A 234 0.01 -20.94 3.43
N GLN A 235 -0.70 -21.15 4.56
CA GLN A 235 -1.11 -22.42 5.15
C GLN A 235 -2.04 -23.18 4.17
N LYS A 236 -2.82 -22.43 3.35
CA LYS A 236 -3.76 -22.95 2.34
C LYS A 236 -3.07 -23.30 1.01
N MET A 237 -2.09 -22.48 0.57
CA MET A 237 -1.35 -22.73 -0.68
C MET A 237 -0.56 -24.05 -0.59
N ALA A 238 0.02 -24.34 0.60
CA ALA A 238 0.80 -25.55 0.90
C ALA A 238 -0.12 -26.78 1.00
N GLU A 239 -1.30 -26.61 1.61
CA GLU A 239 -2.32 -27.65 1.80
C GLU A 239 -2.85 -28.12 0.44
N VAL A 240 -3.23 -27.16 -0.42
CA VAL A 240 -3.80 -27.35 -1.76
C VAL A 240 -2.74 -27.77 -2.79
N GLY A 241 -1.56 -27.18 -2.69
CA GLY A 241 -0.44 -27.46 -3.58
C GLY A 241 -0.15 -26.26 -4.46
N TYR A 242 1.14 -25.98 -4.68
CA TYR A 242 1.58 -24.86 -5.49
C TYR A 242 1.23 -24.96 -6.97
N ASP A 243 0.54 -23.93 -7.48
CA ASP A 243 0.13 -23.80 -8.86
C ASP A 243 0.87 -22.66 -9.53
N ARG A 244 1.82 -23.00 -10.41
CA ARG A 244 2.65 -22.07 -11.16
C ARG A 244 1.87 -21.16 -12.12
N ASN A 245 0.61 -21.54 -12.46
CA ASN A 245 -0.22 -20.74 -13.36
C ASN A 245 -1.09 -19.74 -12.58
N ASN A 246 -1.07 -19.84 -11.25
CA ASN A 246 -1.81 -18.97 -10.33
C ASN A 246 -0.90 -17.80 -9.89
N LYS A 247 -1.19 -16.59 -10.41
CA LYS A 247 -0.44 -15.37 -10.12
C LYS A 247 -0.36 -15.06 -8.62
N GLN A 248 -1.42 -15.41 -7.85
CA GLN A 248 -1.49 -15.20 -6.41
C GLN A 248 -0.55 -16.14 -5.67
N HIS A 249 -0.36 -17.37 -6.20
CA HIS A 249 0.55 -18.37 -5.65
C HIS A 249 1.99 -17.86 -5.75
N HIS A 250 2.34 -17.16 -6.86
CA HIS A 250 3.65 -16.55 -7.10
C HIS A 250 3.87 -15.45 -6.06
N ARG A 251 2.84 -14.58 -5.84
CA ARG A 251 2.91 -13.49 -4.84
C ARG A 251 3.13 -14.06 -3.44
N LEU A 252 2.29 -15.03 -3.02
CA LEU A 252 2.37 -15.68 -1.71
C LEU A 252 3.71 -16.37 -1.52
N LEU A 253 4.19 -17.09 -2.55
CA LEU A 253 5.47 -17.79 -2.46
C LEU A 253 6.62 -16.78 -2.22
N LEU A 254 6.61 -15.64 -2.96
CA LEU A 254 7.65 -14.63 -2.81
C LEU A 254 7.67 -14.08 -1.38
N CYS A 255 6.48 -13.91 -0.78
CA CYS A 255 6.37 -13.42 0.60
C CYS A 255 7.00 -14.42 1.52
N LEU A 256 6.66 -15.72 1.34
CA LEU A 256 7.18 -16.82 2.15
C LEU A 256 8.72 -16.89 2.02
N LEU A 257 9.21 -16.90 0.76
CA LEU A 257 10.67 -16.96 0.51
C LEU A 257 11.38 -15.79 1.14
N MET A 258 10.84 -14.58 0.96
CA MET A 258 11.50 -13.40 1.56
C MET A 258 11.59 -13.55 3.10
N THR A 259 10.50 -13.96 3.79
CA THR A 259 10.57 -14.11 5.26
C THR A 259 11.57 -15.22 5.65
N SER A 260 11.67 -16.30 4.82
CA SER A 260 12.63 -17.38 5.11
C SER A 260 14.07 -16.85 4.94
N CYS A 261 14.29 -15.91 4.04
CA CYS A 261 15.65 -15.34 3.92
C CYS A 261 15.90 -14.44 5.16
N ASP A 262 14.90 -13.62 5.54
CA ASP A 262 15.06 -12.68 6.66
C ASP A 262 15.41 -13.37 7.99
N LEU A 263 14.87 -14.60 8.20
CA LEU A 263 15.06 -15.34 9.44
C LEU A 263 16.07 -16.46 9.29
N SER A 264 16.82 -16.48 8.16
CA SER A 264 17.73 -17.58 7.86
C SER A 264 18.87 -17.80 8.84
N ASP A 265 19.19 -16.83 9.73
CA ASP A 265 20.22 -17.10 10.75
C ASP A 265 19.76 -18.27 11.63
N GLN A 266 18.43 -18.48 11.76
CA GLN A 266 17.90 -19.58 12.58
C GLN A 266 18.14 -20.99 11.99
N THR A 267 18.57 -21.06 10.71
CA THR A 267 18.80 -22.34 10.01
C THR A 267 20.25 -22.73 10.09
N LYS A 268 21.08 -21.92 10.78
CA LYS A 268 22.51 -22.23 10.88
C LYS A 268 22.80 -23.02 12.15
N GLY A 269 24.07 -23.12 12.53
CA GLY A 269 24.46 -23.86 13.72
C GLY A 269 24.09 -23.12 14.99
N TRP A 270 24.17 -23.83 16.12
CA TRP A 270 23.86 -23.24 17.42
C TRP A 270 24.68 -21.98 17.72
N LYS A 271 25.98 -21.95 17.30
CA LYS A 271 26.84 -20.78 17.52
C LYS A 271 26.26 -19.55 16.83
N THR A 272 25.74 -19.74 15.60
CA THR A 272 25.12 -18.61 14.86
C THR A 272 23.85 -18.12 15.58
N THR A 273 22.94 -19.05 15.96
CA THR A 273 21.70 -18.71 16.68
C THR A 273 22.03 -17.95 17.99
N ARG A 274 23.04 -18.42 18.74
CA ARG A 274 23.42 -17.77 19.98
C ARG A 274 23.97 -16.35 19.72
N LYS A 275 24.85 -16.20 18.74
CA LYS A 275 25.41 -14.90 18.42
C LYS A 275 24.33 -13.94 17.95
N ILE A 276 23.37 -14.43 17.14
CA ILE A 276 22.32 -13.55 16.61
C ILE A 276 21.38 -13.14 17.75
N ALA A 277 21.24 -13.96 18.82
CA ALA A 277 20.43 -13.57 19.98
C ALA A 277 21.15 -12.40 20.68
N GLU A 278 22.49 -12.47 20.79
CA GLU A 278 23.28 -11.39 21.39
C GLU A 278 23.03 -10.08 20.59
N LEU A 279 23.06 -10.16 19.24
CA LEU A 279 22.87 -8.98 18.40
C LEU A 279 21.46 -8.43 18.45
N ILE A 280 20.46 -9.30 18.27
CA ILE A 280 19.05 -8.90 18.32
C ILE A 280 18.73 -8.25 19.64
N TYR A 281 19.09 -8.89 20.77
CA TYR A 281 18.73 -8.31 22.07
C TYR A 281 19.55 -7.10 22.44
N LYS A 282 20.81 -7.00 21.98
CA LYS A 282 21.53 -5.76 22.29
C LYS A 282 20.77 -4.61 21.55
N GLU A 283 20.32 -4.88 20.32
CA GLU A 283 19.60 -3.82 19.58
C GLU A 283 18.22 -3.54 20.23
N PHE A 284 17.44 -4.60 20.52
CA PHE A 284 16.12 -4.40 21.13
C PHE A 284 16.21 -3.70 22.47
N PHE A 285 17.20 -4.10 23.30
CA PHE A 285 17.32 -3.51 24.64
C PHE A 285 17.72 -2.03 24.56
N SER A 286 18.52 -1.66 23.53
CA SER A 286 18.86 -0.25 23.32
C SER A 286 17.59 0.53 22.99
N GLN A 287 16.66 -0.04 22.16
CA GLN A 287 15.37 0.63 21.92
C GLN A 287 14.59 0.78 23.27
N GLY A 288 14.54 -0.28 24.06
CA GLY A 288 13.81 -0.20 25.33
C GLY A 288 14.38 0.87 26.24
N ASP A 289 15.73 0.99 26.28
CA ASP A 289 16.39 2.01 27.11
C ASP A 289 15.99 3.39 26.60
N LEU A 290 15.93 3.54 25.26
CA LEU A 290 15.55 4.82 24.65
C LEU A 290 14.10 5.18 24.99
N GLU A 291 13.17 4.21 24.94
CA GLU A 291 11.76 4.41 25.28
C GLU A 291 11.64 4.86 26.73
N LYS A 292 12.40 4.20 27.64
CA LYS A 292 12.39 4.57 29.08
C LYS A 292 12.86 6.03 29.24
N ALA A 293 13.90 6.43 28.47
CA ALA A 293 14.43 7.80 28.50
C ALA A 293 13.38 8.83 28.03
N MET A 294 12.44 8.39 27.18
CA MET A 294 11.32 9.21 26.66
C MET A 294 10.10 9.22 27.63
N GLY A 295 10.20 8.44 28.70
CA GLY A 295 9.16 8.31 29.72
C GLY A 295 8.04 7.34 29.38
N ASN A 296 8.31 6.38 28.45
CA ASN A 296 7.38 5.37 27.99
C ASN A 296 7.87 3.99 28.43
N ARG A 297 6.94 3.09 28.71
CA ARG A 297 7.26 1.75 29.13
C ARG A 297 7.42 0.88 27.88
N PRO A 298 8.61 0.28 27.66
CA PRO A 298 8.77 -0.58 26.49
C PRO A 298 8.07 -1.94 26.63
N MET A 299 7.90 -2.66 25.51
CA MET A 299 7.34 -4.02 25.58
C MET A 299 8.40 -4.85 26.34
N GLU A 300 7.95 -5.88 27.07
CA GLU A 300 8.81 -6.76 27.86
C GLU A 300 10.03 -7.28 27.07
N MET A 301 9.82 -7.67 25.80
CA MET A 301 10.93 -8.21 24.98
C MET A 301 12.03 -7.18 24.68
N MET A 302 11.73 -5.89 24.84
CA MET A 302 12.74 -4.84 24.59
C MET A 302 13.28 -4.30 25.89
N ASP A 303 12.85 -4.86 27.03
CA ASP A 303 13.20 -4.36 28.34
C ASP A 303 14.22 -5.25 28.99
N ARG A 304 15.47 -4.77 29.12
CA ARG A 304 16.57 -5.57 29.68
C ARG A 304 16.32 -5.99 31.13
N GLU A 305 15.35 -5.32 31.79
CA GLU A 305 14.99 -5.63 33.19
C GLU A 305 13.85 -6.65 33.29
N LYS A 306 13.27 -7.05 32.16
CA LYS A 306 12.16 -7.99 32.19
C LYS A 306 12.36 -9.19 31.27
N ALA A 307 12.93 -8.96 30.09
CA ALA A 307 13.12 -9.99 29.06
C ALA A 307 13.93 -11.18 29.52
N TYR A 308 13.41 -12.40 29.30
CA TYR A 308 14.17 -13.62 29.58
C TYR A 308 14.39 -14.23 28.20
N ILE A 309 15.61 -14.06 27.67
CA ILE A 309 16.00 -14.40 26.29
C ILE A 309 15.63 -15.85 25.90
N PRO A 310 15.99 -16.91 26.66
CA PRO A 310 15.63 -18.26 26.22
C PRO A 310 14.13 -18.44 25.98
N GLU A 311 13.24 -17.96 26.91
CA GLU A 311 11.79 -18.11 26.78
C GLU A 311 11.30 -17.31 25.57
N LEU A 312 11.82 -16.08 25.40
CA LEU A 312 11.42 -15.26 24.26
C LEU A 312 11.81 -15.92 22.94
N GLN A 313 13.04 -16.49 22.89
CA GLN A 313 13.50 -17.13 21.66
C GLN A 313 12.75 -18.43 21.36
N ILE A 314 12.40 -19.21 22.39
CA ILE A 314 11.62 -20.44 22.18
C ILE A 314 10.25 -20.04 21.58
N SER A 315 9.62 -18.96 22.12
N SER A 315 9.61 -18.97 22.11
CA SER A 315 8.34 -18.41 21.66
CA SER A 315 8.33 -18.48 21.61
C SER A 315 8.42 -17.91 20.22
C SER A 315 8.46 -18.00 20.16
N PHE A 316 9.51 -17.20 19.87
CA PHE A 316 9.75 -16.69 18.54
C PHE A 316 9.98 -17.86 17.58
N MET A 317 10.75 -18.87 17.99
CA MET A 317 10.99 -19.99 17.09
CA MET A 317 11.01 -20.04 17.15
C MET A 317 9.72 -20.83 16.89
N GLU A 318 8.94 -21.07 17.96
CA GLU A 318 7.69 -21.83 17.81
C GLU A 318 6.64 -21.13 16.96
N HIS A 319 6.39 -19.81 17.20
CA HIS A 319 5.34 -19.09 16.50
C HIS A 319 5.72 -18.46 15.17
N ILE A 320 6.96 -17.98 15.05
CA ILE A 320 7.39 -17.29 13.84
C ILE A 320 8.31 -18.09 12.93
N ALA A 321 9.51 -18.45 13.41
CA ALA A 321 10.48 -19.12 12.53
C ALA A 321 10.08 -20.54 12.07
N MET A 322 9.83 -21.46 13.02
CA MET A 322 9.46 -22.85 12.68
C MET A 322 8.30 -22.96 11.66
N PRO A 323 7.16 -22.22 11.80
CA PRO A 323 6.09 -22.34 10.80
C PRO A 323 6.49 -21.90 9.40
N ILE A 324 7.40 -20.90 9.28
CA ILE A 324 7.87 -20.48 7.96
C ILE A 324 8.66 -21.62 7.30
N TYR A 325 9.57 -22.26 8.05
CA TYR A 325 10.38 -23.32 7.46
C TYR A 325 9.58 -24.59 7.27
N LYS A 326 8.54 -24.79 8.09
CA LYS A 326 7.66 -25.96 7.90
C LYS A 326 6.89 -25.77 6.58
N LEU A 327 6.39 -24.53 6.29
CA LEU A 327 5.74 -24.23 5.01
C LEU A 327 6.69 -24.45 3.86
N LEU A 328 7.96 -23.98 3.97
CA LEU A 328 8.99 -24.17 2.95
C LEU A 328 9.21 -25.69 2.66
N GLN A 329 9.28 -26.53 3.70
CA GLN A 329 9.48 -27.99 3.63
C GLN A 329 8.27 -28.61 2.92
N ASP A 330 7.04 -28.10 3.22
CA ASP A 330 5.80 -28.60 2.60
C ASP A 330 5.77 -28.34 1.08
N LEU A 331 6.30 -27.18 0.64
CA LEU A 331 6.35 -26.81 -0.76
C LEU A 331 7.57 -27.36 -1.51
N PHE A 332 8.73 -27.50 -0.82
CA PHE A 332 9.98 -27.97 -1.41
C PHE A 332 10.55 -29.10 -0.54
N PRO A 333 10.53 -30.38 -1.01
CA PRO A 333 11.05 -31.46 -0.15
C PRO A 333 12.50 -31.31 0.27
N LYS A 334 13.36 -30.72 -0.60
CA LYS A 334 14.78 -30.51 -0.26
C LYS A 334 14.99 -29.51 0.92
N ALA A 335 13.92 -28.77 1.31
CA ALA A 335 14.00 -27.80 2.41
C ALA A 335 13.80 -28.42 3.80
N ALA A 336 13.57 -29.74 3.89
CA ALA A 336 13.37 -30.43 5.18
C ALA A 336 14.49 -30.20 6.18
N GLU A 337 15.76 -30.18 5.72
CA GLU A 337 16.90 -29.98 6.61
C GLU A 337 16.84 -28.59 7.29
N LEU A 338 16.23 -27.60 6.60
CA LEU A 338 16.11 -26.24 7.15
C LEU A 338 15.20 -26.25 8.35
N TYR A 339 14.01 -26.86 8.21
CA TYR A 339 13.08 -26.95 9.33
C TYR A 339 13.69 -27.74 10.49
N GLU A 340 14.35 -28.90 10.20
CA GLU A 340 14.96 -29.71 11.26
C GLU A 340 16.02 -28.93 12.04
N ARG A 341 16.79 -28.07 11.35
CA ARG A 341 17.80 -27.27 12.02
C ARG A 341 17.16 -26.23 12.94
N VAL A 342 16.06 -25.58 12.48
CA VAL A 342 15.37 -24.59 13.29
C VAL A 342 14.80 -25.27 14.53
N ALA A 343 14.14 -26.44 14.35
CA ALA A 343 13.58 -27.20 15.49
C ALA A 343 14.69 -27.56 16.51
N SER A 344 15.85 -28.02 16.01
CA SER A 344 17.01 -28.38 16.82
C SER A 344 17.53 -27.17 17.61
N ASN A 345 17.62 -25.98 16.97
CA ASN A 345 18.07 -24.78 17.67
C ASN A 345 17.08 -24.38 18.75
N ARG A 346 15.77 -24.61 18.53
CA ARG A 346 14.76 -24.31 19.54
C ARG A 346 14.99 -25.24 20.75
N GLU A 347 15.23 -26.53 20.48
CA GLU A 347 15.50 -27.49 21.56
C GLU A 347 16.75 -27.08 22.34
N HIS A 348 17.76 -26.53 21.65
CA HIS A 348 19.00 -26.09 22.29
C HIS A 348 18.73 -24.97 23.29
N TRP A 349 17.77 -24.04 22.99
CA TRP A 349 17.41 -22.98 23.94
C TRP A 349 16.81 -23.55 25.21
N THR A 350 16.00 -24.63 25.07
CA THR A 350 15.36 -25.26 26.23
C THR A 350 16.43 -25.86 27.17
N LYS A 351 17.39 -26.59 26.58
CA LYS A 351 18.49 -27.26 27.29
C LYS A 351 19.47 -26.32 27.99
N VAL A 352 19.70 -25.15 27.38
CA VAL A 352 20.64 -24.16 27.91
C VAL A 352 19.98 -23.18 28.93
N SER A 353 18.63 -23.09 28.94
CA SER A 353 17.87 -22.22 29.85
C SER A 353 18.23 -22.44 31.34
N HIS A 354 18.59 -23.69 31.72
CA HIS A 354 19.00 -24.02 33.09
C HIS A 354 20.29 -23.27 33.51
N LYS A 355 21.17 -22.94 32.53
CA LYS A 355 22.43 -22.22 32.73
C LYS A 355 22.29 -20.68 32.58
N PHE A 356 21.17 -20.21 32.01
CA PHE A 356 20.84 -18.80 31.77
C PHE A 356 19.83 -18.41 32.87
N THR A 357 20.34 -17.95 34.01
CA THR A 357 19.56 -17.64 35.22
C THR A 357 19.19 -16.16 35.39
N ILE A 358 19.39 -15.36 34.33
CA ILE A 358 19.15 -13.92 34.44
C ILE A 358 18.28 -13.36 33.36
N ARG A 359 17.66 -12.21 33.65
CA ARG A 359 16.89 -11.43 32.68
C ARG A 359 17.94 -10.58 31.95
N GLY A 360 17.62 -10.18 30.72
CA GLY A 360 18.52 -9.38 29.91
C GLY A 360 19.76 -10.13 29.47
N LEU A 361 20.84 -9.38 29.28
CA LEU A 361 22.14 -9.94 28.87
C LEU A 361 23.14 -9.74 30.00
N PRO A 362 24.22 -10.56 30.03
CA PRO A 362 25.28 -10.32 31.04
C PRO A 362 25.89 -8.93 30.82
N SER A 363 26.63 -8.42 31.81
CA SER A 363 27.29 -7.09 31.75
C SER A 363 28.09 -6.83 30.45
N ASN A 364 28.74 -7.87 29.91
CA ASN A 364 29.56 -7.79 28.70
C ASN A 364 28.79 -8.07 27.39
N ASN A 365 27.43 -8.17 27.45
CA ASN A 365 26.55 -8.45 26.29
C ASN A 365 26.88 -9.73 25.55
N SER A 366 27.66 -10.64 26.14
CA SER A 366 28.03 -11.90 25.51
C SER A 366 27.31 -13.11 26.09
N LEU A 367 26.96 -14.08 25.22
CA LEU A 367 26.31 -15.32 25.61
C LEU A 367 27.30 -16.52 25.58
N ASP A 368 28.62 -16.24 25.51
CA ASP A 368 29.66 -17.28 25.46
C ASP A 368 29.59 -18.28 26.62
N PHE A 369 29.21 -17.80 27.84
CA PHE A 369 29.07 -18.60 29.06
C PHE A 369 28.20 -19.85 28.89
N LEU A 370 27.17 -19.78 28.01
CA LEU A 370 26.25 -20.88 27.70
C LEU A 370 26.92 -22.13 27.16
N LEU B 16 -33.36 -11.37 -6.14
CA LEU B 16 -31.93 -11.07 -6.09
C LEU B 16 -31.40 -10.46 -7.41
N SER B 17 -32.30 -10.30 -8.43
CA SER B 17 -31.98 -9.73 -9.75
C SER B 17 -31.54 -8.28 -9.65
N THR B 18 -32.07 -7.54 -8.64
CA THR B 18 -31.71 -6.13 -8.50
C THR B 18 -30.25 -5.98 -8.06
N SER B 19 -29.55 -7.12 -7.68
CA SER B 19 -28.12 -7.09 -7.32
C SER B 19 -27.21 -7.37 -8.53
N LEU B 20 -27.81 -7.58 -9.71
CA LEU B 20 -27.02 -7.82 -10.92
C LEU B 20 -26.71 -6.47 -11.56
N TYR B 21 -25.44 -6.12 -11.62
CA TYR B 21 -24.98 -4.85 -12.20
C TYR B 21 -23.93 -5.21 -13.22
N LYS B 22 -24.19 -4.88 -14.47
CA LYS B 22 -23.34 -5.29 -15.57
C LYS B 22 -22.23 -4.32 -15.92
N LYS B 23 -21.22 -4.84 -16.61
CA LYS B 23 -20.09 -4.10 -17.19
C LYS B 23 -20.47 -4.01 -18.67
N ALA B 24 -20.35 -2.82 -19.28
CA ALA B 24 -20.70 -2.64 -20.70
C ALA B 24 -19.73 -3.33 -21.64
N GLY B 25 -18.48 -3.44 -21.23
CA GLY B 25 -17.45 -4.10 -22.03
C GLY B 25 -16.54 -4.95 -21.19
N PHE B 26 -15.33 -5.13 -21.70
CA PHE B 26 -14.28 -5.87 -21.05
C PHE B 26 -13.22 -4.86 -20.62
N ASP B 27 -12.50 -5.21 -19.54
CA ASP B 27 -11.44 -4.36 -18.97
C ASP B 27 -10.26 -4.17 -19.92
N GLU B 35 -16.91 6.56 -31.02
CA GLU B 35 -17.09 7.55 -29.95
C GLU B 35 -15.81 8.35 -29.63
N TYR B 36 -14.61 7.78 -29.91
CA TYR B 36 -13.30 8.39 -29.65
C TYR B 36 -13.02 9.59 -30.57
N THR B 37 -13.09 9.39 -31.91
CA THR B 37 -12.87 10.46 -32.89
C THR B 37 -14.00 11.49 -32.78
N LYS B 38 -15.24 10.99 -32.53
CA LYS B 38 -16.46 11.77 -32.35
C LYS B 38 -16.30 12.76 -31.20
N LEU B 39 -15.67 12.31 -30.08
CA LEU B 39 -15.41 13.11 -28.90
C LEU B 39 -14.53 14.33 -29.18
N LEU B 40 -13.50 14.19 -30.06
CA LEU B 40 -12.59 15.29 -30.36
C LEU B 40 -12.87 16.06 -31.68
N HIS B 41 -13.89 15.64 -32.46
CA HIS B 41 -14.28 16.26 -33.74
C HIS B 41 -14.39 17.80 -33.71
N ASP B 42 -15.06 18.38 -32.69
CA ASP B 42 -15.26 19.83 -32.56
C ASP B 42 -14.31 20.52 -31.56
N GLY B 43 -13.26 19.83 -31.14
CA GLY B 43 -12.29 20.34 -30.18
C GLY B 43 -12.82 20.26 -28.76
N ILE B 44 -12.04 20.72 -27.78
CA ILE B 44 -12.48 20.70 -26.37
C ILE B 44 -13.31 21.96 -26.12
N GLN B 45 -14.50 21.78 -25.54
CA GLN B 45 -15.44 22.88 -25.24
C GLN B 45 -15.01 23.75 -24.06
N PRO B 46 -15.03 25.09 -24.19
CA PRO B 46 -14.75 25.94 -23.02
C PRO B 46 -15.86 25.68 -21.98
N VAL B 47 -15.49 25.63 -20.70
CA VAL B 47 -16.46 25.33 -19.62
C VAL B 47 -17.70 26.24 -19.63
N ALA B 48 -17.54 27.54 -19.91
CA ALA B 48 -18.69 28.44 -19.91
C ALA B 48 -19.70 28.08 -21.00
N ALA B 49 -19.24 27.46 -22.10
CA ALA B 49 -20.14 27.02 -23.16
C ALA B 49 -20.96 25.80 -22.70
N ILE B 50 -20.43 25.01 -21.73
CA ILE B 50 -21.19 23.86 -21.23
C ILE B 50 -22.32 24.47 -20.38
N ASP B 51 -21.97 25.41 -19.49
CA ASP B 51 -22.98 26.07 -18.65
C ASP B 51 -22.34 27.29 -17.99
N SER B 52 -23.06 28.44 -17.97
CA SER B 52 -22.49 29.62 -17.32
C SER B 52 -22.24 29.39 -15.82
N ASN B 53 -22.93 28.39 -15.22
CA ASN B 53 -22.82 28.08 -13.79
C ASN B 53 -21.91 26.90 -13.50
N PHE B 54 -21.15 26.47 -14.50
CA PHE B 54 -20.34 25.24 -14.38
C PHE B 54 -19.31 25.26 -13.27
N ALA B 55 -18.75 26.44 -12.95
CA ALA B 55 -17.69 26.58 -11.95
C ALA B 55 -18.21 27.04 -10.58
N SER B 56 -19.54 26.92 -10.38
CA SER B 56 -20.18 27.34 -9.14
C SER B 56 -20.59 26.16 -8.26
N PHE B 57 -20.54 26.40 -6.93
CA PHE B 57 -20.96 25.42 -5.94
C PHE B 57 -22.44 25.10 -6.10
N THR B 58 -23.20 25.94 -6.87
CA THR B 58 -24.62 25.64 -7.08
C THR B 58 -24.87 24.80 -8.32
N TYR B 59 -23.82 24.41 -9.05
CA TYR B 59 -24.04 23.57 -10.21
C TYR B 59 -24.30 22.14 -9.73
N THR B 60 -25.24 21.46 -10.37
CA THR B 60 -25.54 20.08 -10.03
C THR B 60 -25.07 19.22 -11.19
N PRO B 61 -23.85 18.64 -11.11
CA PRO B 61 -23.31 17.89 -12.25
C PRO B 61 -24.14 16.69 -12.70
N ARG B 62 -24.99 16.16 -11.79
CA ARG B 62 -25.87 15.06 -12.18
C ARG B 62 -26.92 15.49 -13.20
N SER B 63 -27.08 16.82 -13.42
CA SER B 63 -28.00 17.36 -14.41
C SER B 63 -27.42 17.28 -15.81
N LEU B 64 -26.09 17.16 -15.95
CA LEU B 64 -25.50 17.11 -17.28
C LEU B 64 -25.84 15.78 -17.96
N PRO B 65 -26.28 15.77 -19.24
CA PRO B 65 -26.57 14.50 -19.89
C PRO B 65 -25.34 13.57 -19.85
N GLU B 66 -25.58 12.29 -19.59
CA GLU B 66 -24.47 11.35 -19.50
C GLU B 66 -23.56 11.35 -20.72
N ASP B 67 -24.13 11.50 -21.93
CA ASP B 67 -23.29 11.52 -23.13
C ASP B 67 -22.38 12.75 -23.22
N ASP B 68 -22.63 13.80 -22.43
CA ASP B 68 -21.77 14.99 -22.47
C ASP B 68 -20.69 14.97 -21.37
N THR B 69 -20.68 13.94 -20.49
CA THR B 69 -19.74 13.91 -19.36
C THR B 69 -18.27 13.72 -19.76
N SER B 70 -17.97 12.89 -20.80
CA SER B 70 -16.56 12.72 -21.21
C SER B 70 -15.99 14.06 -21.69
N MET B 71 -16.79 14.78 -22.51
N MET B 71 -16.77 14.79 -22.53
CA MET B 71 -16.47 16.10 -23.03
CA MET B 71 -16.30 16.10 -22.99
C MET B 71 -16.22 17.09 -21.86
C MET B 71 -16.12 17.04 -21.78
N ALA B 72 -17.05 17.02 -20.80
CA ALA B 72 -16.92 17.89 -19.63
C ALA B 72 -15.63 17.58 -18.83
N ILE B 73 -15.24 16.28 -18.77
CA ILE B 73 -14.00 15.94 -18.10
C ILE B 73 -12.85 16.64 -18.81
N LEU B 74 -12.78 16.52 -20.15
CA LEU B 74 -11.71 17.15 -20.94
C LEU B 74 -11.74 18.68 -20.75
N SER B 75 -12.95 19.24 -20.73
CA SER B 75 -13.15 20.69 -20.54
C SER B 75 -12.62 21.16 -19.19
N MET B 76 -12.82 20.36 -18.14
CA MET B 76 -12.32 20.72 -16.80
C MET B 76 -10.80 20.64 -16.79
N LEU B 77 -10.22 19.58 -17.37
CA LEU B 77 -8.77 19.44 -17.43
C LEU B 77 -8.16 20.57 -18.25
N GLN B 78 -8.86 21.01 -19.30
CA GLN B 78 -8.37 22.13 -20.09
C GLN B 78 -8.46 23.43 -19.26
N ASP B 79 -9.59 23.66 -18.60
CA ASP B 79 -9.78 24.89 -17.83
C ASP B 79 -8.82 25.02 -16.62
N MET B 80 -8.37 23.89 -16.07
CA MET B 80 -7.43 23.86 -14.96
C MET B 80 -5.99 23.94 -15.51
N ASN B 81 -5.87 24.07 -16.84
CA ASN B 81 -4.64 24.17 -17.63
C ASN B 81 -3.74 22.90 -17.53
N PHE B 82 -4.31 21.72 -17.17
CA PHE B 82 -3.48 20.51 -17.09
C PHE B 82 -3.07 19.97 -18.44
N ILE B 83 -3.95 20.09 -19.43
CA ILE B 83 -3.64 19.61 -20.79
C ILE B 83 -2.43 20.36 -21.34
N ASN B 84 -2.45 21.69 -21.27
CA ASN B 84 -1.35 22.53 -21.76
C ASN B 84 -0.10 22.41 -20.92
N ASN B 85 -0.21 22.49 -19.57
CA ASN B 85 0.94 22.45 -18.67
C ASN B 85 1.67 21.12 -18.70
N TYR B 86 0.92 20.02 -18.85
CA TYR B 86 1.56 18.71 -18.91
C TYR B 86 1.66 18.15 -20.31
N LYS B 87 1.34 18.97 -21.35
CA LYS B 87 1.39 18.53 -22.77
C LYS B 87 0.72 17.15 -22.96
N ILE B 88 -0.47 16.98 -22.34
CA ILE B 88 -1.22 15.71 -22.43
C ILE B 88 -1.70 15.55 -23.87
N ASP B 89 -1.50 14.35 -24.45
CA ASP B 89 -1.94 14.06 -25.80
C ASP B 89 -3.47 13.96 -25.73
N CYS B 90 -4.19 14.83 -26.47
CA CYS B 90 -5.66 14.81 -26.41
C CYS B 90 -6.30 13.50 -26.86
N PRO B 91 -5.88 12.85 -27.96
CA PRO B 91 -6.49 11.54 -28.29
C PRO B 91 -6.30 10.51 -27.15
N THR B 92 -5.11 10.49 -26.49
CA THR B 92 -4.84 9.56 -25.37
C THR B 92 -5.77 9.91 -24.19
N LEU B 93 -5.91 11.21 -23.90
CA LEU B 93 -6.80 11.63 -22.81
C LEU B 93 -8.24 11.25 -23.10
N ALA B 94 -8.71 11.46 -24.35
CA ALA B 94 -10.07 11.07 -24.75
C ALA B 94 -10.26 9.55 -24.54
N ARG B 95 -9.30 8.72 -25.00
CA ARG B 95 -9.40 7.27 -24.83
C ARG B 95 -9.41 6.90 -23.35
N PHE B 96 -8.54 7.53 -22.53
CA PHE B 96 -8.47 7.27 -21.09
C PHE B 96 -9.81 7.57 -20.46
N CYS B 97 -10.42 8.74 -20.79
N CYS B 97 -10.40 8.73 -20.78
CA CYS B 97 -11.72 9.15 -20.26
CA CYS B 97 -11.68 9.09 -20.20
C CYS B 97 -12.82 8.13 -20.59
C CYS B 97 -12.78 8.07 -20.55
N LEU B 98 -12.85 7.65 -21.84
CA LEU B 98 -13.85 6.67 -22.27
C LEU B 98 -13.66 5.31 -21.58
N MET B 99 -12.39 4.90 -21.37
CA MET B 99 -12.09 3.66 -20.67
C MET B 99 -12.55 3.76 -19.20
N VAL B 100 -12.31 4.93 -18.57
CA VAL B 100 -12.71 5.08 -17.17
C VAL B 100 -14.25 5.03 -17.09
N LYS B 101 -14.92 5.77 -17.98
CA LYS B 101 -16.39 5.76 -17.96
C LYS B 101 -16.93 4.34 -18.14
N LYS B 102 -16.36 3.57 -19.08
CA LYS B 102 -16.78 2.18 -19.35
C LYS B 102 -16.42 1.23 -18.21
N GLY B 103 -15.52 1.65 -17.31
CA GLY B 103 -15.04 0.89 -16.16
C GLY B 103 -15.98 0.83 -14.97
N TYR B 104 -17.12 1.55 -15.03
CA TYR B 104 -18.12 1.51 -13.95
C TYR B 104 -19.28 0.62 -14.34
N ARG B 105 -19.85 -0.07 -13.35
CA ARG B 105 -21.04 -0.89 -13.54
C ARG B 105 -22.27 0.02 -13.36
N ASP B 106 -23.47 -0.56 -13.35
CA ASP B 106 -24.67 0.23 -13.24
C ASP B 106 -25.50 0.03 -11.96
N PRO B 107 -24.89 0.04 -10.75
CA PRO B 107 -25.73 0.00 -9.56
C PRO B 107 -26.41 1.37 -9.39
N PRO B 108 -27.39 1.50 -8.49
CA PRO B 108 -28.12 2.77 -8.34
C PRO B 108 -27.23 3.96 -8.01
N TYR B 109 -26.23 3.75 -7.14
CA TYR B 109 -25.39 4.89 -6.77
C TYR B 109 -23.96 4.85 -7.30
N HIS B 110 -23.26 3.72 -7.13
CA HIS B 110 -21.83 3.65 -7.50
C HIS B 110 -21.59 3.39 -9.00
N ASN B 111 -22.02 4.35 -9.79
CA ASN B 111 -21.93 4.30 -11.25
C ASN B 111 -21.10 5.47 -11.74
N TRP B 112 -20.96 5.55 -13.08
CA TRP B 112 -20.16 6.62 -13.66
C TRP B 112 -20.65 8.03 -13.29
N MET B 113 -21.96 8.26 -13.23
CA MET B 113 -22.47 9.58 -12.86
C MET B 113 -22.00 10.00 -11.47
N HIS B 114 -21.79 9.04 -10.56
CA HIS B 114 -21.22 9.38 -9.25
C HIS B 114 -19.75 9.81 -9.47
N ALA B 115 -18.94 9.01 -10.21
CA ALA B 115 -17.52 9.40 -10.40
C ALA B 115 -17.42 10.77 -11.11
N PHE B 116 -18.28 11.00 -12.08
CA PHE B 116 -18.30 12.26 -12.78
C PHE B 116 -18.60 13.42 -11.83
N SER B 117 -19.65 13.27 -10.99
N SER B 117 -19.63 13.25 -10.98
CA SER B 117 -20.03 14.33 -10.05
CA SER B 117 -20.02 14.30 -10.03
C SER B 117 -18.94 14.59 -8.99
C SER B 117 -18.92 14.57 -8.99
N VAL B 118 -18.20 13.51 -8.58
CA VAL B 118 -17.10 13.62 -7.62
C VAL B 118 -15.95 14.40 -8.30
N SER B 119 -15.66 14.08 -9.58
CA SER B 119 -14.60 14.78 -10.31
C SER B 119 -14.98 16.26 -10.50
N HIS B 120 -16.26 16.53 -10.81
CA HIS B 120 -16.72 17.91 -10.97
C HIS B 120 -16.49 18.69 -9.67
N PHE B 121 -16.78 18.07 -8.51
CA PHE B 121 -16.55 18.76 -7.24
C PHE B 121 -15.07 19.10 -7.04
N CYS B 122 -14.15 18.19 -7.46
CA CYS B 122 -12.73 18.47 -7.38
C CYS B 122 -12.42 19.74 -8.19
N TYR B 123 -12.98 19.81 -9.38
CA TYR B 123 -12.81 20.99 -10.24
C TYR B 123 -13.36 22.24 -9.49
N LEU B 124 -14.56 22.13 -8.86
CA LEU B 124 -15.10 23.26 -8.10
C LEU B 124 -14.16 23.72 -6.99
N LEU B 125 -13.51 22.78 -6.29
CA LEU B 125 -12.58 23.14 -5.22
C LEU B 125 -11.39 23.88 -5.80
N TYR B 126 -10.88 23.42 -6.96
CA TYR B 126 -9.78 24.11 -7.63
C TYR B 126 -10.19 25.57 -7.97
N LYS B 127 -11.38 25.74 -8.57
CA LYS B 127 -11.86 27.06 -9.01
C LYS B 127 -12.26 28.01 -7.89
N ASN B 128 -12.81 27.50 -6.81
CA ASN B 128 -13.31 28.35 -5.74
C ASN B 128 -12.41 28.52 -4.55
N LEU B 129 -11.65 27.49 -4.20
CA LEU B 129 -10.77 27.54 -3.01
C LEU B 129 -9.33 27.89 -3.32
N GLU B 130 -8.99 28.02 -4.62
CA GLU B 130 -7.65 28.37 -5.09
C GLU B 130 -6.62 27.42 -4.49
N LEU B 131 -6.83 26.14 -4.82
CA LEU B 131 -5.99 25.03 -4.36
C LEU B 131 -4.51 25.19 -4.72
N THR B 132 -4.19 25.92 -5.82
CA THR B 132 -2.79 26.15 -6.25
C THR B 132 -1.97 26.90 -5.19
N ASN B 133 -2.64 27.49 -4.18
CA ASN B 133 -1.95 28.18 -3.07
C ASN B 133 -1.72 27.23 -1.89
N TYR B 134 -2.17 25.96 -1.99
CA TYR B 134 -2.03 25.01 -0.89
C TYR B 134 -1.33 23.74 -1.34
N LEU B 135 -1.61 23.28 -2.58
CA LEU B 135 -1.06 22.04 -3.11
C LEU B 135 -0.20 22.22 -4.34
N GLU B 136 0.65 21.23 -4.62
CA GLU B 136 1.45 21.23 -5.84
C GLU B 136 0.56 20.89 -7.01
N ASP B 137 0.92 21.38 -8.22
CA ASP B 137 0.15 21.09 -9.43
C ASP B 137 -0.05 19.59 -9.62
N ILE B 138 1.02 18.80 -9.44
CA ILE B 138 0.96 17.34 -9.61
C ILE B 138 -0.05 16.70 -8.63
N GLU B 139 -0.15 17.24 -7.41
CA GLU B 139 -1.09 16.73 -6.39
C GLU B 139 -2.54 17.01 -6.79
N ILE B 140 -2.80 18.20 -7.33
CA ILE B 140 -4.18 18.55 -7.77
C ILE B 140 -4.55 17.67 -8.97
N PHE B 141 -3.59 17.46 -9.88
CA PHE B 141 -3.85 16.63 -11.06
C PHE B 141 -4.18 15.21 -10.62
N ALA B 142 -3.37 14.67 -9.71
CA ALA B 142 -3.60 13.32 -9.21
C ALA B 142 -4.95 13.25 -8.49
N LEU B 143 -5.31 14.31 -7.73
CA LEU B 143 -6.60 14.30 -7.06
C LEU B 143 -7.77 14.17 -8.06
N PHE B 144 -7.71 14.93 -9.17
CA PHE B 144 -8.76 14.91 -10.18
C PHE B 144 -8.84 13.55 -10.87
N ILE B 145 -7.67 13.00 -11.30
CA ILE B 145 -7.67 11.67 -11.92
C ILE B 145 -8.19 10.63 -10.93
N SER B 146 -7.76 10.72 -9.67
CA SER B 146 -8.22 9.78 -8.64
C SER B 146 -9.73 9.89 -8.48
N CYS B 147 -10.27 11.11 -8.55
CA CYS B 147 -11.74 11.26 -8.45
C CYS B 147 -12.43 10.47 -9.55
N MET B 148 -11.92 10.56 -10.78
CA MET B 148 -12.56 9.86 -11.88
C MET B 148 -12.53 8.35 -11.68
N CYS B 149 -11.42 7.85 -11.12
CA CYS B 149 -11.15 6.42 -10.99
C CYS B 149 -11.55 5.80 -9.69
N HIS B 150 -11.90 6.63 -8.68
CA HIS B 150 -11.96 6.14 -7.29
C HIS B 150 -12.93 5.04 -6.96
N ASP B 151 -13.98 4.76 -7.78
CA ASP B 151 -14.91 3.67 -7.46
C ASP B 151 -14.97 2.71 -8.65
N LEU B 152 -13.93 2.69 -9.48
CA LEU B 152 -13.96 1.83 -10.68
C LEU B 152 -14.38 0.40 -10.42
N ASP B 153 -15.33 -0.12 -11.23
CA ASP B 153 -15.72 -1.53 -11.08
C ASP B 153 -16.43 -1.86 -9.77
N HIS B 154 -17.04 -0.85 -9.13
CA HIS B 154 -17.79 -1.08 -7.91
C HIS B 154 -18.95 -2.04 -8.21
N ARG B 155 -19.23 -2.94 -7.26
CA ARG B 155 -20.23 -3.99 -7.39
C ARG B 155 -21.53 -3.66 -6.68
N GLY B 156 -21.67 -2.46 -6.11
CA GLY B 156 -22.89 -2.15 -5.35
C GLY B 156 -22.88 -2.78 -3.96
N THR B 157 -21.71 -3.28 -3.51
CA THR B 157 -21.55 -3.88 -2.20
C THR B 157 -20.38 -3.25 -1.47
N ASN B 158 -20.39 -3.31 -0.14
CA ASN B 158 -19.32 -2.72 0.66
C ASN B 158 -18.16 -3.73 0.84
N ASN B 159 -17.14 -3.34 1.63
CA ASN B 159 -15.99 -4.20 1.87
C ASN B 159 -16.34 -5.43 2.66
N SER B 160 -17.20 -5.29 3.68
CA SER B 160 -17.63 -6.46 4.49
C SER B 160 -18.26 -7.55 3.62
N PHE B 161 -19.08 -7.14 2.63
CA PHE B 161 -19.71 -8.09 1.71
C PHE B 161 -18.68 -8.90 0.92
N GLN B 162 -17.59 -8.25 0.48
CA GLN B 162 -16.54 -8.96 -0.25
C GLN B 162 -15.99 -10.12 0.58
N VAL B 163 -15.72 -9.84 1.86
CA VAL B 163 -15.21 -10.86 2.80
C VAL B 163 -16.25 -11.97 2.98
N ALA B 164 -17.53 -11.62 3.27
CA ALA B 164 -18.61 -12.60 3.49
C ALA B 164 -18.92 -13.50 2.29
N SER B 165 -18.88 -12.93 1.09
CA SER B 165 -19.17 -13.65 -0.14
C SER B 165 -17.96 -14.41 -0.67
N LYS B 166 -16.82 -14.32 0.04
CA LYS B 166 -15.57 -14.97 -0.35
C LYS B 166 -15.22 -14.64 -1.79
N SER B 167 -15.26 -13.35 -2.11
CA SER B 167 -15.01 -12.91 -3.46
C SER B 167 -13.55 -12.99 -3.83
N VAL B 168 -13.28 -12.96 -5.15
CA VAL B 168 -11.91 -12.93 -5.68
C VAL B 168 -11.25 -11.65 -5.11
N LEU B 169 -12.00 -10.51 -5.01
CA LEU B 169 -11.41 -9.28 -4.49
C LEU B 169 -10.97 -9.43 -3.03
N ALA B 170 -11.79 -10.09 -2.18
CA ALA B 170 -11.41 -10.35 -0.79
C ALA B 170 -10.17 -11.28 -0.77
N ALA B 171 -10.11 -12.27 -1.67
CA ALA B 171 -8.96 -13.18 -1.68
C ALA B 171 -7.65 -12.42 -2.00
N LEU B 172 -7.73 -11.43 -2.89
CA LEU B 172 -6.56 -10.65 -3.29
C LEU B 172 -6.15 -9.60 -2.28
N TYR B 173 -7.14 -8.95 -1.60
CA TYR B 173 -6.87 -7.79 -0.75
C TYR B 173 -7.32 -7.79 0.69
N SER B 174 -8.18 -8.73 1.13
CA SER B 174 -8.76 -8.68 2.48
C SER B 174 -7.76 -8.61 3.62
N SER B 175 -6.58 -9.25 3.50
CA SER B 175 -5.61 -9.20 4.60
C SER B 175 -5.21 -7.74 4.94
N GLU B 176 -5.12 -6.87 3.89
CA GLU B 176 -4.70 -5.46 3.97
C GLU B 176 -5.79 -4.44 4.22
N GLY B 177 -7.04 -4.88 4.19
CA GLY B 177 -8.14 -3.97 4.36
C GLY B 177 -8.36 -3.18 3.08
N SER B 178 -9.34 -2.29 3.11
CA SER B 178 -9.71 -1.44 1.97
C SER B 178 -9.89 -2.26 0.71
N VAL B 179 -10.55 -3.43 0.81
CA VAL B 179 -10.73 -4.35 -0.32
C VAL B 179 -11.15 -3.65 -1.63
N MET B 180 -12.30 -2.96 -1.60
CA MET B 180 -12.76 -2.34 -2.84
C MET B 180 -11.85 -1.26 -3.34
N GLU B 181 -11.31 -0.44 -2.44
CA GLU B 181 -10.45 0.67 -2.80
C GLU B 181 -9.16 0.20 -3.45
N ARG B 182 -8.58 -0.92 -2.95
CA ARG B 182 -7.39 -1.50 -3.56
C ARG B 182 -7.77 -1.99 -4.98
N HIS B 183 -8.98 -2.54 -5.15
CA HIS B 183 -9.42 -2.96 -6.48
C HIS B 183 -9.61 -1.73 -7.41
N HIS B 184 -10.24 -0.64 -6.92
CA HIS B 184 -10.43 0.57 -7.75
C HIS B 184 -9.07 1.08 -8.27
N PHE B 185 -8.05 1.13 -7.37
CA PHE B 185 -6.71 1.55 -7.74
C PHE B 185 -6.14 0.60 -8.79
N ALA B 186 -6.24 -0.71 -8.55
CA ALA B 186 -5.76 -1.71 -9.52
C ALA B 186 -6.43 -1.52 -10.91
N GLN B 187 -7.75 -1.24 -10.93
CA GLN B 187 -8.45 -1.02 -12.21
C GLN B 187 -7.96 0.25 -12.92
N ALA B 188 -7.65 1.31 -12.13
CA ALA B 188 -7.15 2.56 -12.70
C ALA B 188 -5.79 2.29 -13.37
N ILE B 189 -4.92 1.52 -12.70
CA ILE B 189 -3.60 1.16 -13.22
C ILE B 189 -3.76 0.32 -14.50
N ALA B 190 -4.69 -0.63 -14.53
CA ALA B 190 -4.94 -1.45 -15.72
C ALA B 190 -5.35 -0.59 -16.90
N ILE B 191 -6.11 0.51 -16.68
CA ILE B 191 -6.49 1.41 -17.77
C ILE B 191 -5.25 2.13 -18.29
N LEU B 192 -4.39 2.66 -17.40
CA LEU B 192 -3.16 3.33 -17.82
C LEU B 192 -2.29 2.39 -18.66
N ASN B 193 -2.25 1.12 -18.27
CA ASN B 193 -1.48 0.07 -18.96
C ASN B 193 -2.11 -0.42 -20.26
N THR B 194 -3.29 0.09 -20.62
CA THR B 194 -3.95 -0.29 -21.87
C THR B 194 -3.35 0.53 -22.98
N HIS B 195 -2.98 -0.13 -24.10
CA HIS B 195 -2.38 0.57 -25.24
C HIS B 195 -3.20 1.81 -25.65
N GLY B 196 -2.53 2.96 -25.78
CA GLY B 196 -3.12 4.23 -26.18
C GLY B 196 -3.86 4.97 -25.08
N CYS B 197 -3.76 4.50 -23.83
CA CYS B 197 -4.48 5.14 -22.71
C CYS B 197 -3.59 5.73 -21.62
N ASN B 198 -2.27 5.60 -21.74
CA ASN B 198 -1.41 6.12 -20.69
C ASN B 198 -1.16 7.61 -20.84
N ILE B 199 -2.02 8.39 -20.20
CA ILE B 199 -1.96 9.85 -20.25
C ILE B 199 -0.69 10.47 -19.70
N PHE B 200 0.06 9.77 -18.84
CA PHE B 200 1.27 10.43 -18.33
C PHE B 200 2.53 9.58 -18.54
N ASP B 201 2.54 8.71 -19.59
CA ASP B 201 3.70 7.86 -19.91
C ASP B 201 4.96 8.67 -20.34
N HIS B 202 4.81 9.97 -20.59
CA HIS B 202 5.94 10.85 -20.95
C HIS B 202 6.61 11.45 -19.71
N PHE B 203 5.98 11.24 -18.53
CA PHE B 203 6.55 11.78 -17.30
C PHE B 203 7.88 11.07 -17.02
N SER B 204 8.75 11.74 -16.26
CA SER B 204 10.04 11.17 -15.84
C SER B 204 9.75 9.97 -14.90
N ARG B 205 10.74 9.09 -14.70
CA ARG B 205 10.53 7.97 -13.79
C ARG B 205 10.10 8.45 -12.41
N LYS B 206 10.73 9.53 -11.88
CA LYS B 206 10.39 10.09 -10.57
C LYS B 206 8.94 10.60 -10.50
N ASP B 207 8.54 11.38 -11.51
CA ASP B 207 7.18 11.94 -11.57
C ASP B 207 6.11 10.88 -11.85
N TYR B 208 6.43 9.86 -12.65
CA TYR B 208 5.47 8.79 -12.94
C TYR B 208 5.19 8.02 -11.64
N GLN B 209 6.27 7.75 -10.86
CA GLN B 209 6.16 7.07 -9.56
C GLN B 209 5.36 7.93 -8.59
N ARG B 210 5.61 9.25 -8.60
N ARG B 210 5.61 9.25 -8.60
CA ARG B 210 4.90 10.20 -7.72
CA ARG B 210 4.90 10.20 -7.73
C ARG B 210 3.39 10.13 -8.05
C ARG B 210 3.39 10.13 -8.05
N MET B 211 3.03 10.10 -9.35
CA MET B 211 1.63 10.02 -9.79
C MET B 211 0.96 8.76 -9.27
N LEU B 212 1.63 7.60 -9.45
CA LEU B 212 1.06 6.30 -8.99
C LEU B 212 0.89 6.29 -7.49
N ASP B 213 1.87 6.82 -6.73
CA ASP B 213 1.81 6.88 -5.27
C ASP B 213 0.67 7.78 -4.83
N LEU B 214 0.50 8.89 -5.55
CA LEU B 214 -0.58 9.83 -5.19
C LEU B 214 -1.92 9.18 -5.45
N MET B 215 -2.08 8.58 -6.65
CA MET B 215 -3.36 7.91 -6.99
C MET B 215 -3.67 6.81 -5.97
N ARG B 216 -2.65 6.03 -5.57
CA ARG B 216 -2.87 4.98 -4.56
CA ARG B 216 -2.82 4.98 -4.57
C ARG B 216 -3.35 5.58 -3.26
N ASP B 217 -2.63 6.58 -2.74
CA ASP B 217 -3.02 7.18 -1.48
C ASP B 217 -4.38 7.84 -1.49
N ILE B 218 -4.66 8.57 -2.58
CA ILE B 218 -5.93 9.28 -2.65
C ILE B 218 -7.12 8.32 -2.76
N ILE B 219 -7.01 7.29 -3.63
CA ILE B 219 -8.08 6.31 -3.74
C ILE B 219 -8.28 5.55 -2.43
N LEU B 220 -7.16 5.16 -1.79
CA LEU B 220 -7.28 4.44 -0.52
C LEU B 220 -7.90 5.32 0.61
N ALA B 221 -7.82 6.64 0.46
CA ALA B 221 -8.39 7.58 1.42
C ALA B 221 -9.94 7.55 1.37
N THR B 222 -10.55 6.95 0.30
CA THR B 222 -12.01 6.88 0.20
C THR B 222 -12.61 5.77 1.03
N ASP B 223 -11.75 4.95 1.71
CA ASP B 223 -12.26 3.94 2.62
C ASP B 223 -12.56 4.73 3.90
N LEU B 224 -13.83 4.69 4.33
CA LEU B 224 -14.25 5.40 5.55
C LEU B 224 -13.40 4.97 6.75
N ALA B 225 -12.99 3.70 6.81
CA ALA B 225 -12.16 3.22 7.93
C ALA B 225 -10.83 4.00 7.96
N HIS B 226 -10.27 4.37 6.79
CA HIS B 226 -9.03 5.16 6.70
C HIS B 226 -9.29 6.58 7.22
N HIS B 227 -10.42 7.20 6.77
CA HIS B 227 -10.80 8.54 7.17
C HIS B 227 -10.90 8.61 8.71
N LEU B 228 -11.58 7.62 9.31
CA LEU B 228 -11.72 7.61 10.77
C LEU B 228 -10.37 7.46 11.50
N ARG B 229 -9.45 6.71 10.92
CA ARG B 229 -8.11 6.53 11.53
C ARG B 229 -7.28 7.79 11.50
N ILE B 230 -7.40 8.60 10.42
CA ILE B 230 -6.62 9.82 10.29
C ILE B 230 -7.36 11.06 10.80
N PHE B 231 -8.64 10.89 11.23
CA PHE B 231 -9.48 11.99 11.68
C PHE B 231 -8.81 12.92 12.71
N LYS B 232 -8.24 12.36 13.81
CA LYS B 232 -7.61 13.21 14.83
C LYS B 232 -6.44 14.03 14.26
N ASP B 233 -5.70 13.44 13.28
CA ASP B 233 -4.61 14.16 12.62
C ASP B 233 -5.17 15.28 11.73
N LEU B 234 -6.34 15.04 11.08
CA LEU B 234 -6.94 16.10 10.28
C LEU B 234 -7.35 17.25 11.21
N GLN B 235 -7.93 16.93 12.39
CA GLN B 235 -8.34 17.96 13.37
C GLN B 235 -7.13 18.79 13.85
N LYS B 236 -6.00 18.10 14.10
CA LYS B 236 -4.76 18.72 14.58
C LYS B 236 -4.25 19.70 13.54
N MET B 237 -4.25 19.31 12.25
CA MET B 237 -3.85 20.19 11.16
C MET B 237 -4.75 21.46 11.10
N ALA B 238 -6.08 21.28 11.23
CA ALA B 238 -7.00 22.41 11.18
C ALA B 238 -6.80 23.34 12.39
N GLU B 239 -6.39 22.76 13.53
CA GLU B 239 -6.16 23.49 14.78
C GLU B 239 -4.89 24.34 14.70
N VAL B 240 -3.75 23.72 14.33
CA VAL B 240 -2.44 24.39 14.22
C VAL B 240 -2.37 25.34 13.01
N GLY B 241 -3.14 24.99 11.97
CA GLY B 241 -3.18 25.76 10.74
C GLY B 241 -2.39 25.04 9.66
N TYR B 242 -2.90 25.08 8.42
CA TYR B 242 -2.26 24.45 7.28
C TYR B 242 -0.89 25.07 6.98
N ASP B 243 0.12 24.21 6.83
CA ASP B 243 1.49 24.62 6.51
C ASP B 243 1.84 24.06 5.14
N ARG B 244 1.89 24.95 4.13
CA ARG B 244 2.20 24.53 2.76
C ARG B 244 3.62 23.95 2.62
N ASN B 245 4.47 24.10 3.65
CA ASN B 245 5.83 23.53 3.59
C ASN B 245 5.89 22.19 4.31
N ASN B 246 4.76 21.74 4.89
CA ASN B 246 4.67 20.47 5.62
C ASN B 246 4.10 19.38 4.70
N LYS B 247 4.94 18.38 4.36
CA LYS B 247 4.57 17.26 3.46
C LYS B 247 3.40 16.46 4.00
N GLN B 248 3.37 16.19 5.33
CA GLN B 248 2.25 15.46 5.91
C GLN B 248 0.95 16.28 5.77
N HIS B 249 1.04 17.62 5.88
CA HIS B 249 -0.14 18.45 5.71
C HIS B 249 -0.70 18.31 4.30
N HIS B 250 0.19 18.25 3.27
CA HIS B 250 -0.25 18.09 1.87
C HIS B 250 -1.02 16.76 1.74
N ARG B 251 -0.46 15.65 2.29
CA ARG B 251 -1.08 14.32 2.24
C ARG B 251 -2.40 14.28 3.01
N LEU B 252 -2.44 14.87 4.22
CA LEU B 252 -3.69 14.91 4.99
C LEU B 252 -4.74 15.73 4.23
N LEU B 253 -4.36 16.89 3.68
CA LEU B 253 -5.27 17.73 2.93
C LEU B 253 -5.84 16.98 1.71
N LEU B 254 -4.99 16.25 0.99
CA LEU B 254 -5.48 15.49 -0.17
C LEU B 254 -6.54 14.48 0.29
N CYS B 255 -6.33 13.83 1.45
CA CYS B 255 -7.32 12.86 1.97
C CYS B 255 -8.63 13.56 2.28
N LEU B 256 -8.55 14.74 2.92
CA LEU B 256 -9.75 15.49 3.29
C LEU B 256 -10.52 15.92 2.06
N LEU B 257 -9.80 16.49 1.09
CA LEU B 257 -10.42 16.93 -0.16
C LEU B 257 -11.07 15.76 -0.88
N MET B 258 -10.40 14.61 -0.94
CA MET B 258 -10.98 13.46 -1.61
C MET B 258 -12.30 13.06 -0.93
N THR B 259 -12.33 12.96 0.40
CA THR B 259 -13.58 12.59 1.11
C THR B 259 -14.63 13.65 0.84
N SER B 260 -14.23 14.95 0.74
N SER B 260 -14.24 14.96 0.77
CA SER B 260 -15.14 16.07 0.47
CA SER B 260 -15.25 16.00 0.50
C SER B 260 -15.77 15.97 -0.93
C SER B 260 -15.84 15.87 -0.91
N CYS B 261 -15.04 15.39 -1.89
CA CYS B 261 -15.55 15.20 -3.25
C CYS B 261 -16.51 14.01 -3.25
N ASP B 262 -16.11 12.94 -2.55
CA ASP B 262 -16.92 11.71 -2.50
C ASP B 262 -18.31 11.94 -1.89
N LEU B 263 -18.44 12.87 -0.90
CA LEU B 263 -19.75 13.10 -0.26
C LEU B 263 -20.41 14.42 -0.73
N SER B 264 -19.91 15.01 -1.85
CA SER B 264 -20.36 16.31 -2.31
C SER B 264 -21.82 16.41 -2.73
N ASP B 265 -22.52 15.27 -2.93
CA ASP B 265 -23.95 15.38 -3.21
C ASP B 265 -24.66 16.07 -2.03
N GLN B 266 -24.09 15.95 -0.82
CA GLN B 266 -24.71 16.56 0.37
C GLN B 266 -24.61 18.06 0.40
N THR B 267 -23.75 18.64 -0.47
CA THR B 267 -23.58 20.10 -0.54
C THR B 267 -24.50 20.73 -1.56
N LYS B 268 -25.36 19.94 -2.23
CA LYS B 268 -26.28 20.48 -3.24
C LYS B 268 -27.63 20.77 -2.60
N GLY B 269 -28.64 21.05 -3.40
CA GLY B 269 -29.97 21.36 -2.89
C GLY B 269 -30.71 20.16 -2.31
N TRP B 270 -31.84 20.43 -1.68
CA TRP B 270 -32.65 19.36 -1.09
C TRP B 270 -32.99 18.26 -2.10
N LYS B 271 -33.36 18.62 -3.35
CA LYS B 271 -33.76 17.64 -4.38
C LYS B 271 -32.64 16.63 -4.63
N THR B 272 -31.36 17.10 -4.55
CA THR B 272 -30.21 16.20 -4.73
C THR B 272 -30.04 15.27 -3.51
N THR B 273 -30.02 15.81 -2.27
CA THR B 273 -29.83 14.91 -1.11
C THR B 273 -30.98 13.88 -1.03
N ARG B 274 -32.22 14.30 -1.40
CA ARG B 274 -33.37 13.38 -1.36
C ARG B 274 -33.18 12.26 -2.41
N LYS B 275 -32.85 12.64 -3.67
CA LYS B 275 -32.62 11.63 -4.72
C LYS B 275 -31.44 10.70 -4.38
N ILE B 276 -30.36 11.25 -3.79
CA ILE B 276 -29.21 10.39 -3.50
C ILE B 276 -29.53 9.45 -2.35
N ALA B 277 -30.46 9.82 -1.42
CA ALA B 277 -30.89 8.86 -0.39
C ALA B 277 -31.62 7.70 -1.08
N GLU B 278 -32.45 8.04 -2.10
CA GLU B 278 -33.15 7.00 -2.84
C GLU B 278 -32.14 6.02 -3.48
N LEU B 279 -31.10 6.59 -4.12
CA LEU B 279 -30.08 5.75 -4.79
C LEU B 279 -29.23 4.95 -3.81
N ILE B 280 -28.76 5.59 -2.73
CA ILE B 280 -27.96 4.92 -1.71
C ILE B 280 -28.75 3.76 -1.08
N TYR B 281 -29.99 4.02 -0.65
CA TYR B 281 -30.74 2.97 0.04
C TYR B 281 -31.23 1.91 -0.94
N LYS B 282 -31.51 2.26 -2.22
CA LYS B 282 -31.85 1.18 -3.14
C LYS B 282 -30.62 0.22 -3.24
N GLU B 283 -29.42 0.80 -3.34
CA GLU B 283 -28.22 -0.03 -3.45
C GLU B 283 -27.95 -0.81 -2.16
N PHE B 284 -28.00 -0.14 -1.03
CA PHE B 284 -27.73 -0.80 0.24
C PHE B 284 -28.76 -1.92 0.50
N PHE B 285 -30.04 -1.66 0.28
CA PHE B 285 -31.08 -2.67 0.53
C PHE B 285 -30.94 -3.88 -0.40
N SER B 286 -30.47 -3.67 -1.66
CA SER B 286 -30.23 -4.80 -2.56
C SER B 286 -29.10 -5.67 -1.97
N GLN B 287 -28.03 -5.05 -1.39
CA GLN B 287 -26.98 -5.82 -0.72
C GLN B 287 -27.61 -6.61 0.47
N GLY B 288 -28.45 -5.94 1.28
CA GLY B 288 -29.13 -6.59 2.42
C GLY B 288 -29.95 -7.79 1.98
N ASP B 289 -30.72 -7.64 0.90
CA ASP B 289 -31.55 -8.74 0.35
C ASP B 289 -30.66 -9.88 -0.09
N LEU B 290 -29.49 -9.55 -0.69
CA LEU B 290 -28.57 -10.57 -1.18
C LEU B 290 -27.96 -11.33 0.01
N GLU B 291 -27.63 -10.63 1.11
CA GLU B 291 -27.09 -11.25 2.33
C GLU B 291 -28.14 -12.19 2.93
N LYS B 292 -29.43 -11.78 2.96
CA LYS B 292 -30.54 -12.61 3.49
C LYS B 292 -30.69 -13.87 2.64
N ALA B 293 -30.52 -13.75 1.30
CA ALA B 293 -30.59 -14.88 0.37
C ALA B 293 -29.46 -15.88 0.68
N MET B 294 -28.29 -15.38 1.17
CA MET B 294 -27.12 -16.19 1.53
C MET B 294 -27.22 -16.74 2.97
N GLY B 295 -28.30 -16.42 3.68
CA GLY B 295 -28.53 -16.87 5.05
C GLY B 295 -27.90 -16.00 6.12
N ASN B 296 -27.43 -14.79 5.75
CA ASN B 296 -26.80 -13.87 6.69
C ASN B 296 -27.71 -12.70 7.08
N ARG B 297 -27.49 -12.17 8.30
CA ARG B 297 -28.23 -11.02 8.82
C ARG B 297 -27.42 -9.78 8.43
N PRO B 298 -28.00 -8.90 7.58
CA PRO B 298 -27.23 -7.72 7.17
C PRO B 298 -27.17 -6.62 8.22
N MET B 299 -26.28 -5.60 8.01
CA MET B 299 -26.16 -4.40 8.87
C MET B 299 -27.59 -3.80 8.88
N GLU B 300 -27.96 -3.10 9.96
CA GLU B 300 -29.26 -2.44 10.07
C GLU B 300 -29.54 -1.46 8.88
N MET B 301 -28.52 -0.66 8.47
CA MET B 301 -28.69 0.30 7.38
C MET B 301 -28.89 -0.35 6.01
N MET B 302 -28.66 -1.67 5.92
CA MET B 302 -28.82 -2.37 4.65
C MET B 302 -30.02 -3.32 4.65
N ASP B 303 -30.75 -3.33 5.76
CA ASP B 303 -31.92 -4.20 5.91
C ASP B 303 -33.19 -3.38 5.71
N ARG B 304 -33.91 -3.60 4.57
CA ARG B 304 -35.12 -2.80 4.28
C ARG B 304 -36.25 -3.00 5.29
N GLU B 305 -36.15 -4.02 6.14
CA GLU B 305 -37.18 -4.28 7.15
C GLU B 305 -36.87 -3.61 8.49
N LYS B 306 -35.60 -3.18 8.73
CA LYS B 306 -35.16 -2.56 10.00
C LYS B 306 -34.71 -1.11 9.87
N ALA B 307 -34.24 -0.72 8.69
CA ALA B 307 -33.73 0.62 8.43
C ALA B 307 -34.79 1.74 8.47
N TYR B 308 -34.53 2.80 9.26
CA TYR B 308 -35.39 3.98 9.33
C TYR B 308 -34.52 5.10 8.73
N ILE B 309 -34.71 5.32 7.42
CA ILE B 309 -33.92 6.23 6.58
C ILE B 309 -33.71 7.63 7.17
N PRO B 310 -34.72 8.39 7.66
CA PRO B 310 -34.40 9.72 8.17
C PRO B 310 -33.37 9.69 9.31
N GLU B 311 -33.47 8.73 10.23
CA GLU B 311 -32.53 8.64 11.37
C GLU B 311 -31.16 8.22 10.90
N LEU B 312 -31.09 7.28 9.96
CA LEU B 312 -29.81 6.82 9.44
C LEU B 312 -29.12 7.95 8.66
N GLN B 313 -29.92 8.72 7.90
CA GLN B 313 -29.40 9.86 7.12
C GLN B 313 -28.89 10.95 8.07
N ILE B 314 -29.67 11.26 9.13
CA ILE B 314 -29.23 12.27 10.12
C ILE B 314 -27.93 11.83 10.79
N SER B 315 -27.78 10.53 11.13
CA SER B 315 -26.54 10.04 11.74
C SER B 315 -25.34 10.16 10.78
N PHE B 316 -25.55 9.78 9.51
CA PHE B 316 -24.49 9.88 8.48
C PHE B 316 -24.08 11.32 8.35
N MET B 317 -25.06 12.22 8.28
CA MET B 317 -24.78 13.63 8.10
C MET B 317 -24.06 14.23 9.30
N GLU B 318 -24.51 13.94 10.52
CA GLU B 318 -23.88 14.50 11.70
C GLU B 318 -22.54 13.90 12.04
N HIS B 319 -22.36 12.59 11.85
CA HIS B 319 -21.13 11.93 12.26
C HIS B 319 -20.11 11.65 11.15
N ILE B 320 -20.49 11.79 9.87
CA ILE B 320 -19.52 11.54 8.81
C ILE B 320 -19.39 12.78 7.90
N ALA B 321 -20.49 13.21 7.28
CA ALA B 321 -20.40 14.32 6.31
C ALA B 321 -20.13 15.68 6.92
N MET B 322 -20.93 16.13 7.93
CA MET B 322 -20.73 17.46 8.50
C MET B 322 -19.32 17.66 9.07
N PRO B 323 -18.70 16.71 9.80
CA PRO B 323 -17.32 16.93 10.27
C PRO B 323 -16.31 17.13 9.13
N ILE B 324 -16.51 16.47 7.96
CA ILE B 324 -15.59 16.70 6.84
C ILE B 324 -15.72 18.15 6.35
N TYR B 325 -16.96 18.66 6.18
CA TYR B 325 -17.16 20.01 5.69
C TYR B 325 -16.82 21.06 6.72
N LYS B 326 -16.92 20.68 8.02
CA LYS B 326 -16.53 21.58 9.10
C LYS B 326 -14.99 21.74 9.06
N LEU B 327 -14.23 20.64 8.88
CA LEU B 327 -12.76 20.71 8.76
C LEU B 327 -12.42 21.53 7.50
N LEU B 328 -13.17 21.29 6.39
CA LEU B 328 -12.90 22.05 5.16
C LEU B 328 -13.10 23.57 5.39
N GLN B 329 -14.18 23.97 6.08
CA GLN B 329 -14.49 25.36 6.42
C GLN B 329 -13.36 25.91 7.33
N ASP B 330 -12.87 25.10 8.29
CA ASP B 330 -11.79 25.52 9.20
C ASP B 330 -10.51 25.87 8.46
N LEU B 331 -10.22 25.13 7.37
CA LEU B 331 -9.03 25.32 6.54
C LEU B 331 -9.20 26.35 5.44
N PHE B 332 -10.43 26.48 4.91
CA PHE B 332 -10.76 27.39 3.81
C PHE B 332 -12.03 28.16 4.16
N PRO B 333 -11.94 29.43 4.63
CA PRO B 333 -13.16 30.18 4.93
C PRO B 333 -14.19 30.23 3.79
N LYS B 334 -13.73 30.19 2.53
CA LYS B 334 -14.62 30.20 1.38
C LYS B 334 -15.47 28.91 1.26
N ALA B 335 -15.16 27.88 2.08
CA ALA B 335 -15.89 26.61 2.12
C ALA B 335 -17.03 26.67 3.15
N ALA B 336 -17.21 27.82 3.83
CA ALA B 336 -18.29 27.93 4.80
C ALA B 336 -19.66 27.61 4.20
N GLU B 337 -19.93 28.10 2.97
CA GLU B 337 -21.24 27.84 2.32
C GLU B 337 -21.52 26.35 2.10
N LEU B 338 -20.46 25.52 1.96
CA LEU B 338 -20.63 24.08 1.78
C LEU B 338 -21.08 23.47 3.07
N TYR B 339 -20.41 23.81 4.17
CA TYR B 339 -20.78 23.32 5.48
C TYR B 339 -22.23 23.74 5.80
N GLU B 340 -22.55 25.00 5.53
CA GLU B 340 -23.90 25.52 5.78
C GLU B 340 -24.97 24.78 5.01
N ARG B 341 -24.66 24.41 3.75
CA ARG B 341 -25.61 23.66 2.94
C ARG B 341 -25.82 22.24 3.49
N VAL B 342 -24.74 21.57 3.90
CA VAL B 342 -24.85 20.23 4.47
C VAL B 342 -25.71 20.30 5.74
N ALA B 343 -25.45 21.30 6.61
CA ALA B 343 -26.20 21.49 7.84
C ALA B 343 -27.69 21.75 7.55
N SER B 344 -28.01 22.55 6.49
CA SER B 344 -29.37 22.87 6.07
C SER B 344 -30.08 21.59 5.58
N ASN B 345 -29.37 20.74 4.82
CA ASN B 345 -29.95 19.48 4.36
C ASN B 345 -30.25 18.55 5.54
N ARG B 346 -29.39 18.55 6.57
CA ARG B 346 -29.60 17.75 7.78
C ARG B 346 -30.90 18.25 8.48
N GLU B 347 -31.11 19.59 8.53
CA GLU B 347 -32.31 20.16 9.15
C GLU B 347 -33.55 19.72 8.35
N HIS B 348 -33.44 19.68 7.01
CA HIS B 348 -34.53 19.23 6.14
C HIS B 348 -34.89 17.75 6.44
N TRP B 349 -33.87 16.89 6.71
CA TRP B 349 -34.10 15.50 7.09
C TRP B 349 -34.80 15.42 8.46
N THR B 350 -34.44 16.33 9.39
CA THR B 350 -35.10 16.38 10.70
C THR B 350 -36.59 16.73 10.44
N LYS B 351 -36.87 17.68 9.54
CA LYS B 351 -38.28 18.04 9.21
C LYS B 351 -39.03 16.81 8.68
N VAL B 352 -38.38 16.06 7.76
CA VAL B 352 -38.90 14.82 7.14
C VAL B 352 -39.21 13.73 8.16
N SER B 353 -38.39 13.60 9.21
CA SER B 353 -38.55 12.58 10.25
C SER B 353 -39.88 12.68 11.06
N HIS B 354 -40.56 13.84 10.99
CA HIS B 354 -41.85 14.06 11.68
C HIS B 354 -43.00 13.88 10.68
N LYS B 355 -42.71 13.35 9.48
CA LYS B 355 -43.71 13.11 8.43
C LYS B 355 -43.24 11.96 7.48
N PHE B 356 -42.66 10.90 8.08
CA PHE B 356 -42.11 9.71 7.39
C PHE B 356 -42.36 8.51 8.32
N THR B 357 -43.42 7.77 8.06
CA THR B 357 -43.81 6.68 8.95
C THR B 357 -43.60 5.28 8.41
N ILE B 358 -42.45 5.04 7.73
CA ILE B 358 -42.15 3.72 7.18
C ILE B 358 -40.69 3.30 7.40
N ARG B 359 -40.45 1.98 7.37
CA ARG B 359 -39.14 1.38 7.45
C ARG B 359 -38.73 1.07 6.00
N GLY B 360 -37.44 1.20 5.69
CA GLY B 360 -36.94 1.00 4.33
C GLY B 360 -37.44 2.09 3.38
N LEU B 361 -37.57 1.72 2.11
CA LEU B 361 -38.08 2.66 1.11
C LEU B 361 -39.53 2.34 0.83
N PRO B 362 -40.32 3.29 0.28
CA PRO B 362 -41.71 2.96 -0.08
C PRO B 362 -41.73 1.87 -1.17
N SER B 363 -42.86 1.16 -1.30
CA SER B 363 -43.05 0.06 -2.26
C SER B 363 -42.64 0.44 -3.71
N ASN B 364 -42.81 1.71 -4.10
CA ASN B 364 -42.48 2.19 -5.45
C ASN B 364 -41.01 2.65 -5.56
N ASN B 365 -40.21 2.45 -4.49
CA ASN B 365 -38.78 2.84 -4.40
C ASN B 365 -38.52 4.32 -4.64
N SER B 366 -39.52 5.18 -4.35
CA SER B 366 -39.38 6.62 -4.57
C SER B 366 -39.56 7.46 -3.33
N LEU B 367 -38.72 8.50 -3.20
CA LEU B 367 -38.81 9.45 -2.11
C LEU B 367 -39.35 10.80 -2.65
N ASP B 368 -39.73 10.85 -3.96
CA ASP B 368 -40.27 12.06 -4.62
C ASP B 368 -41.32 12.79 -3.79
N PHE B 369 -42.20 12.04 -3.08
CA PHE B 369 -43.25 12.61 -2.23
C PHE B 369 -42.69 13.54 -1.10
N LEU B 370 -41.42 13.35 -0.68
CA LEU B 370 -40.79 14.18 0.37
C LEU B 370 -40.69 15.66 -0.07
#